data_6BMT
#
_entry.id   6BMT
#
_cell.length_a   84.626
_cell.length_b   90.674
_cell.length_c   125.661
_cell.angle_alpha   90.000
_cell.angle_beta   90.000
_cell.angle_gamma   90.000
#
_symmetry.space_group_name_H-M   'P 21 21 21'
#
loop_
_entity.id
_entity.type
_entity.pdbx_description
1 polymer Myeloperoxidase
2 polymer 'Hypothetical Protein'
3 non-polymer 'CALCIUM ION'
4 non-polymer 'PROTOPORPHYRIN IX CONTAINING FE'
5 non-polymer 'CHLORIDE ION'
6 non-polymer 2-acetamido-2-deoxy-beta-D-glucopyranose
7 water water
#
loop_
_entity_poly.entity_id
_entity_poly.type
_entity_poly.pdbx_seq_one_letter_code
_entity_poly.pdbx_strand_id
1 'polypeptide(L)'
;MGVPFFSSLRCMVDLGPCWAGGLTAEMKLLLALAGLLAILATPQPSEGAAPAVLGEVDTSLVLSSMEEAKQLVDKAYKER
RESIKQRLRSGSASPMELLSYFKQPVAATRTAVRAADYLHVALDLLERKLRSLWRRPFNVTDVLTPAQLNVLSKSSGCAY
QDVGVTCPEQDKYRTITGMCNNRRSPTLGASNRAFVRWLPAEYEDGFSLPYGWTPGVKRNGFPVALARAVSNEIVRFPTD
QLTPDQERSLMFMQWGQLLDHDLDFTPEPAARASFVTGVNCETSCVQQPPCFPLKIPPNDPRIKNQADCIPFFRSCPACP
GSNITIRNQINALTSFVDASMVYGSEEPLARNLRNMSNQLGLLAVNQRFQDNGRALLPFDNLHDDPCLLTNRSARIPCFL
AGDTRSSEMPELTSMHTLLLREHNRLATELKSLNPRWDGERLYQEARKIVGAMVQIITYRDYLPLVLGPTAMRKYLPTYR
SYNDSVDPRIANVFTNAFRYGHTLIQPFMFRLDNRYQPMEPNPRVPLSRVFFASWRVVLEGGIDPILRGLMATPAKLNRQ
NQIAVDEIRERLFEQVMRIGLDLPALNMQRSRDHGLPGYNAWRRFCGLPQPETVGQLGTVLRNLKLARKLMEQYGTPNNI
DIWMGGVSEPLKRKGRVGPLLACIIGTQFRKLRDGDRFWWENEGVFSMQQRQALAQISLPRIICDNTGITTVSKNNIFMS
NSYPRDFVNCSTLPALNLASWREAS
;
A
2 'polypeptide(L)'
;GSTGSMKKTLVAGFAVAALSTGIFAVSNEANAQVTSQNGIILHDDSRMLDHELQYVDVLINPNANPQTKERLKAYFESQG
LNTVSEIVQKAKQDGLDTSKYDHLI
;
B
#
loop_
_chem_comp.id
_chem_comp.type
_chem_comp.name
_chem_comp.formula
CA non-polymer 'CALCIUM ION' 'Ca 2'
CL non-polymer 'CHLORIDE ION' 'Cl -1'
HEM non-polymer 'PROTOPORPHYRIN IX CONTAINING FE' 'C34 H32 Fe N4 O4'
NAG D-saccharide, beta linking 2-acetamido-2-deoxy-beta-D-glucopyranose 'C8 H15 N O6'
#
# COMPACT_ATOMS: atom_id res chain seq x y z
N THR A 166 -16.75 -16.09 18.35
CA THR A 166 -18.20 -16.25 18.18
C THR A 166 -18.78 -15.40 17.03
N CYS A 167 -19.25 -16.07 15.94
CA CYS A 167 -19.74 -15.37 14.74
C CYS A 167 -21.26 -15.43 14.62
N PRO A 168 -21.90 -14.39 14.08
CA PRO A 168 -23.30 -14.52 13.68
C PRO A 168 -23.45 -15.44 12.48
N GLU A 169 -24.68 -15.94 12.29
CA GLU A 169 -25.03 -16.72 11.09
C GLU A 169 -25.75 -15.89 10.06
N GLN A 170 -26.10 -14.64 10.37
CA GLN A 170 -26.53 -13.70 9.35
C GLN A 170 -25.68 -12.44 9.53
N ASP A 171 -25.17 -11.93 8.41
CA ASP A 171 -24.38 -10.70 8.42
C ASP A 171 -24.25 -10.21 6.98
N LYS A 172 -24.63 -8.96 6.74
CA LYS A 172 -24.71 -8.45 5.37
C LYS A 172 -23.39 -7.88 4.89
N TYR A 173 -22.55 -7.44 5.80
CA TYR A 173 -21.38 -6.66 5.46
C TYR A 173 -20.14 -7.27 6.11
N ARG A 174 -18.98 -7.03 5.52
CA ARG A 174 -17.72 -7.39 6.17
C ARG A 174 -17.57 -6.61 7.46
N THR A 175 -16.94 -7.27 8.42
CA THR A 175 -16.38 -6.56 9.56
C THR A 175 -15.24 -5.68 9.09
N ILE A 176 -14.91 -4.69 9.93
CA ILE A 176 -13.78 -3.82 9.61
C ILE A 176 -12.47 -4.59 9.76
N THR A 177 -12.37 -5.48 10.76
CA THR A 177 -11.12 -6.21 11.02
C THR A 177 -10.92 -7.45 10.13
N GLY A 178 -11.92 -7.82 9.35
CA GLY A 178 -11.90 -9.09 8.63
C GLY A 178 -12.24 -10.31 9.48
N MET A 179 -12.41 -10.14 10.79
CA MET A 179 -12.92 -11.22 11.62
C MET A 179 -14.21 -11.74 11.02
N CYS A 180 -14.42 -13.05 11.15
CA CYS A 180 -15.65 -13.74 10.82
C CYS A 180 -15.91 -13.87 9.34
N ASN A 181 -14.99 -13.42 8.48
CA ASN A 181 -15.14 -13.69 7.06
C ASN A 181 -15.34 -15.20 6.82
N ASN A 182 -14.36 -16.01 7.21
CA ASN A 182 -14.47 -17.45 7.15
C ASN A 182 -15.07 -17.96 8.47
N ARG A 183 -16.25 -18.58 8.40
CA ARG A 183 -17.00 -18.83 9.62
C ARG A 183 -16.45 -20.00 10.45
N ARG A 184 -15.86 -21.02 9.83
CA ARG A 184 -15.25 -22.07 10.64
C ARG A 184 -13.85 -21.71 11.15
N SER A 185 -13.20 -20.69 10.57
CA SER A 185 -11.85 -20.28 10.97
C SER A 185 -11.81 -18.77 11.06
N PRO A 186 -12.45 -18.20 12.08
CA PRO A 186 -12.82 -16.78 12.01
C PRO A 186 -11.65 -15.79 12.14
N THR A 187 -10.42 -16.21 12.46
CA THR A 187 -9.33 -15.24 12.42
C THR A 187 -8.65 -15.11 11.05
N LEU A 188 -8.95 -15.98 10.09
CA LEU A 188 -8.21 -15.97 8.83
C LEU A 188 -8.50 -14.69 8.06
N GLY A 189 -7.42 -13.97 7.72
CA GLY A 189 -7.50 -12.70 7.06
C GLY A 189 -7.88 -11.55 7.96
N ALA A 190 -8.21 -11.80 9.21
CA ALA A 190 -8.39 -10.69 10.13
C ALA A 190 -7.05 -10.00 10.38
N SER A 191 -7.11 -8.73 10.78
CA SER A 191 -5.92 -7.91 10.96
C SER A 191 -5.25 -8.20 12.30
N ASN A 192 -3.97 -7.81 12.38
CA ASN A 192 -3.12 -7.99 13.57
C ASN A 192 -2.94 -9.46 13.97
N ARG A 193 -2.81 -10.35 12.98
CA ARG A 193 -2.40 -11.72 13.22
C ARG A 193 -1.15 -11.99 12.40
N ALA A 194 -0.54 -13.14 12.69
CA ALA A 194 0.70 -13.51 12.05
C ALA A 194 0.48 -13.83 10.59
N PHE A 195 1.45 -13.46 9.75
CA PHE A 195 1.48 -13.98 8.39
C PHE A 195 1.47 -15.50 8.40
N VAL A 196 0.99 -16.10 7.34
CA VAL A 196 1.15 -17.52 7.16
C VAL A 196 2.47 -17.76 6.44
N ARG A 197 3.08 -18.89 6.75
CA ARG A 197 4.32 -19.33 6.14
C ARG A 197 3.99 -20.39 5.12
N TRP A 198 4.30 -20.12 3.86
CA TRP A 198 4.22 -21.15 2.85
C TRP A 198 5.41 -22.08 2.88
N LEU A 199 6.55 -21.60 3.41
CA LEU A 199 7.71 -22.42 3.67
C LEU A 199 8.25 -22.08 5.06
N PRO A 200 8.97 -23.00 5.67
CA PRO A 200 9.49 -22.72 7.01
C PRO A 200 10.57 -21.66 7.03
N ALA A 201 10.55 -20.88 8.08
CA ALA A 201 11.49 -19.82 8.30
C ALA A 201 12.92 -20.35 8.30
N GLU A 202 13.83 -19.51 7.79
CA GLU A 202 15.26 -19.83 7.77
C GLU A 202 16.02 -18.68 8.42
N TYR A 203 16.38 -18.91 9.67
CA TYR A 203 17.10 -18.00 10.52
C TYR A 203 18.52 -18.52 10.75
N GLU A 204 19.42 -17.59 11.08
CA GLU A 204 20.81 -17.94 11.31
C GLU A 204 20.95 -18.92 12.48
N ASP A 205 20.23 -18.68 13.57
CA ASP A 205 20.26 -19.55 14.74
C ASP A 205 19.09 -20.53 14.78
N GLY A 206 18.36 -20.71 13.68
CA GLY A 206 17.26 -21.65 13.69
C GLY A 206 15.96 -21.17 14.29
N PHE A 207 15.81 -19.90 14.68
CA PHE A 207 14.52 -19.48 15.19
C PHE A 207 14.26 -17.98 15.35
N SER A 208 15.28 -17.12 15.21
CA SER A 208 15.03 -15.69 15.42
C SER A 208 16.04 -14.75 14.78
N LEU A 209 17.31 -15.11 14.80
CA LEU A 209 18.31 -14.17 14.30
C LEU A 209 18.41 -14.26 12.79
N PRO A 210 18.40 -13.13 12.08
CA PRO A 210 18.50 -13.16 10.61
C PRO A 210 19.88 -13.55 10.14
N TYR A 211 19.93 -14.19 8.98
CA TYR A 211 21.20 -14.39 8.31
C TYR A 211 21.84 -13.03 8.07
N GLY A 212 23.14 -12.93 8.33
CA GLY A 212 23.87 -11.69 8.33
C GLY A 212 23.97 -11.00 9.68
N TRP A 213 23.47 -11.61 10.73
CA TRP A 213 23.52 -10.99 12.05
C TRP A 213 24.88 -11.12 12.72
N THR A 214 25.45 -12.32 12.77
CA THR A 214 26.73 -12.54 13.45
C THR A 214 27.86 -12.44 12.44
N PRO A 215 28.81 -11.52 12.61
CA PRO A 215 29.93 -11.42 11.64
C PRO A 215 30.68 -12.74 11.51
N GLY A 216 30.80 -13.21 10.26
CA GLY A 216 31.52 -14.42 9.98
C GLY A 216 30.73 -15.70 10.01
N VAL A 217 29.45 -15.66 10.34
CA VAL A 217 28.58 -16.83 10.24
C VAL A 217 27.99 -16.90 8.84
N LYS A 218 28.13 -18.05 8.22
CA LYS A 218 27.73 -18.26 6.84
C LYS A 218 26.30 -18.77 6.74
N ARG A 219 25.86 -18.85 5.49
CA ARG A 219 24.55 -19.36 5.11
C ARG A 219 24.81 -20.44 4.09
N ASN A 220 24.53 -21.70 4.44
CA ASN A 220 24.77 -22.82 3.51
C ASN A 220 26.23 -22.82 3.03
N GLY A 221 27.16 -22.55 3.94
CA GLY A 221 28.57 -22.60 3.61
C GLY A 221 29.15 -21.38 2.91
N PHE A 222 28.35 -20.35 2.62
CA PHE A 222 28.89 -19.18 1.96
C PHE A 222 28.71 -17.93 2.81
N PRO A 223 29.53 -16.91 2.58
CA PRO A 223 29.35 -15.63 3.28
C PRO A 223 28.07 -14.94 2.83
N VAL A 224 27.45 -14.26 3.79
CA VAL A 224 26.24 -13.48 3.54
C VAL A 224 26.67 -12.17 2.89
N ALA A 225 26.30 -12.00 1.62
CA ALA A 225 26.48 -10.73 0.93
C ALA A 225 25.69 -9.62 1.59
N LEU A 226 26.37 -8.51 1.85
CA LEU A 226 25.72 -7.29 2.29
C LEU A 226 24.67 -6.85 1.27
N ALA A 227 23.49 -6.52 1.79
CA ALA A 227 22.40 -6.08 0.91
C ALA A 227 22.79 -4.83 0.14
N ARG A 228 23.56 -3.94 0.77
CA ARG A 228 23.91 -2.71 0.08
C ARG A 228 24.94 -2.99 -1.00
N ALA A 229 25.74 -4.04 -0.82
CA ALA A 229 26.69 -4.39 -1.88
C ALA A 229 25.96 -5.06 -3.04
N VAL A 230 24.94 -5.87 -2.76
CA VAL A 230 24.14 -6.40 -3.84
C VAL A 230 23.48 -5.26 -4.60
N SER A 231 22.90 -4.32 -3.87
CA SER A 231 22.28 -3.17 -4.51
C SER A 231 23.28 -2.46 -5.40
N ASN A 232 24.49 -2.19 -4.88
CA ASN A 232 25.50 -1.45 -5.64
C ASN A 232 25.90 -2.16 -6.92
N GLU A 233 26.14 -3.48 -6.85
CA GLU A 233 26.72 -4.22 -7.97
C GLU A 233 25.70 -4.70 -9.01
N ILE A 234 24.45 -4.86 -8.65
CA ILE A 234 23.47 -5.51 -9.50
C ILE A 234 22.31 -4.59 -9.84
N VAL A 235 21.90 -3.76 -8.89
CA VAL A 235 20.70 -2.96 -9.05
C VAL A 235 21.02 -1.60 -9.67
N ARG A 236 22.13 -1.01 -9.23
CA ARG A 236 22.54 0.30 -9.72
C ARG A 236 22.64 0.31 -11.24
N PHE A 237 22.27 1.42 -11.84
CA PHE A 237 22.42 1.60 -13.28
C PHE A 237 22.35 3.10 -13.58
N PRO A 238 22.91 3.52 -14.71
CA PRO A 238 22.87 4.93 -15.14
C PRO A 238 21.46 5.42 -15.47
N THR A 239 21.01 6.45 -14.73
CA THR A 239 19.63 6.93 -14.90
C THR A 239 19.38 7.46 -16.31
N ASP A 240 20.36 8.13 -16.91
CA ASP A 240 20.49 8.28 -18.36
C ASP A 240 19.59 7.33 -19.14
N GLN A 241 19.82 6.04 -18.91
CA GLN A 241 19.43 4.95 -19.80
C GLN A 241 18.10 4.32 -19.42
N LEU A 242 17.31 4.98 -18.58
CA LEU A 242 16.01 4.43 -18.23
C LEU A 242 15.22 4.15 -19.50
N THR A 243 14.48 3.05 -19.50
CA THR A 243 13.74 2.59 -20.68
C THR A 243 12.25 2.69 -20.42
N PRO A 244 11.50 3.57 -21.08
CA PRO A 244 10.06 3.61 -20.86
C PRO A 244 9.39 2.33 -21.36
N ASP A 245 8.40 1.89 -20.61
CA ASP A 245 7.56 0.77 -21.01
C ASP A 245 6.48 1.33 -21.92
N GLN A 246 6.49 0.96 -23.21
CA GLN A 246 5.54 1.54 -24.15
C GLN A 246 4.17 0.89 -24.07
N GLU A 247 4.01 -0.13 -23.21
CA GLU A 247 2.71 -0.79 -23.00
C GLU A 247 2.21 -0.68 -21.56
N ARG A 248 2.74 0.24 -20.73
CA ARG A 248 2.25 0.41 -19.36
C ARG A 248 2.29 1.88 -18.98
N SER A 249 1.21 2.36 -18.38
CA SER A 249 1.21 3.68 -17.75
C SER A 249 1.84 3.63 -16.37
N LEU A 250 2.23 4.82 -15.89
CA LEU A 250 2.66 4.92 -14.48
C LEU A 250 1.52 4.60 -13.52
N MET A 251 0.26 4.70 -13.99
CA MET A 251 -0.87 4.27 -13.20
C MET A 251 -0.80 2.78 -12.90
N PHE A 252 -0.09 2.02 -13.72
CA PHE A 252 0.09 0.59 -13.47
C PHE A 252 0.94 0.39 -12.22
N MET A 253 2.05 1.14 -12.11
CA MET A 253 2.80 1.22 -10.88
C MET A 253 1.90 1.61 -9.71
N GLN A 254 1.11 2.67 -9.88
CA GLN A 254 0.44 3.26 -8.74
C GLN A 254 -0.68 2.38 -8.23
N TRP A 255 -1.40 1.71 -9.12
CA TRP A 255 -2.41 0.80 -8.61
C TRP A 255 -1.74 -0.28 -7.78
N GLY A 256 -0.56 -0.75 -8.23
CA GLY A 256 0.14 -1.79 -7.52
C GLY A 256 0.45 -1.40 -6.09
N GLN A 257 0.95 -0.19 -5.89
CA GLN A 257 1.22 0.23 -4.51
C GLN A 257 -0.07 0.38 -3.73
N LEU A 258 -1.10 0.97 -4.33
CA LEU A 258 -2.32 1.18 -3.60
C LEU A 258 -2.91 -0.16 -3.19
N LEU A 259 -2.76 -1.15 -4.07
CA LEU A 259 -3.28 -2.48 -3.78
C LEU A 259 -2.50 -3.14 -2.67
N ASP A 260 -1.18 -3.02 -2.69
CA ASP A 260 -0.37 -3.60 -1.63
C ASP A 260 -0.84 -3.10 -0.27
N HIS A 261 -1.27 -1.85 -0.22
CA HIS A 261 -1.66 -1.22 1.03
C HIS A 261 -3.07 -1.60 1.48
N ASP A 262 -3.82 -2.29 0.61
CA ASP A 262 -5.01 -3.03 1.00
C ASP A 262 -4.65 -4.38 1.62
N LEU A 263 -3.52 -4.98 1.23
CA LEU A 263 -3.25 -6.38 1.62
C LEU A 263 -2.34 -6.52 2.82
N ASP A 264 -1.23 -5.77 2.92
CA ASP A 264 -0.30 -6.02 4.01
C ASP A 264 0.43 -4.76 4.47
N PHE A 265 0.66 -4.73 5.78
CA PHE A 265 1.52 -3.76 6.43
C PHE A 265 2.17 -4.47 7.61
N THR A 266 3.51 -4.43 7.66
CA THR A 266 4.27 -5.15 8.69
C THR A 266 4.81 -4.19 9.74
N PRO A 267 4.21 -4.14 10.92
CA PRO A 267 4.64 -3.16 11.91
C PRO A 267 6.08 -3.36 12.31
N GLU A 268 6.67 -2.26 12.77
CA GLU A 268 7.97 -2.30 13.42
C GLU A 268 7.95 -1.30 14.55
N PRO A 269 8.88 -1.41 15.51
CA PRO A 269 8.94 -0.45 16.62
C PRO A 269 9.40 0.93 16.20
N ALA A 270 9.07 1.92 17.05
CA ALA A 270 9.46 3.32 16.83
C ALA A 270 10.81 3.63 17.46
N ALA A 271 11.43 4.70 17.00
CA ALA A 271 12.64 5.24 17.62
C ALA A 271 12.36 5.68 19.07
N GLY A 278 17.41 1.87 25.31
CA GLY A 278 18.60 1.24 24.76
C GLY A 278 19.28 2.09 23.70
N VAL A 279 19.31 1.62 22.46
CA VAL A 279 19.91 2.35 21.33
C VAL A 279 18.81 2.69 20.32
N ASN A 280 18.93 3.88 19.73
CA ASN A 280 17.99 4.35 18.73
C ASN A 280 18.48 3.90 17.35
N CYS A 281 17.73 3.00 16.71
CA CYS A 281 18.17 2.48 15.43
C CYS A 281 18.28 3.55 14.36
N GLU A 282 17.66 4.73 14.57
CA GLU A 282 17.65 5.79 13.57
C GLU A 282 18.96 6.56 13.53
N THR A 283 19.61 6.72 14.69
CA THR A 283 20.82 7.52 14.82
C THR A 283 22.05 6.70 15.17
N SER A 284 21.87 5.49 15.66
CA SER A 284 23.00 4.64 15.98
C SER A 284 23.22 3.57 14.90
N CYS A 285 24.43 3.04 14.91
CA CYS A 285 24.87 2.00 13.99
C CYS A 285 25.25 0.75 14.77
N VAL A 286 24.95 0.73 16.07
CA VAL A 286 25.14 -0.45 16.89
C VAL A 286 24.08 -1.49 16.55
N GLN A 287 24.50 -2.73 16.28
CA GLN A 287 23.57 -3.83 16.08
C GLN A 287 23.14 -4.38 17.44
N GLN A 288 21.96 -3.99 17.89
CA GLN A 288 21.33 -4.48 19.12
C GLN A 288 19.81 -4.47 18.93
N PRO A 289 19.10 -5.54 19.29
CA PRO A 289 17.64 -5.60 19.01
C PRO A 289 16.93 -4.33 19.42
N PRO A 290 16.01 -3.81 18.60
CA PRO A 290 15.43 -4.25 17.32
C PRO A 290 16.17 -3.77 16.07
N CYS A 291 17.35 -3.18 16.23
CA CYS A 291 18.10 -2.66 15.09
C CYS A 291 18.81 -3.78 14.37
N PHE A 292 18.77 -3.73 13.04
CA PHE A 292 19.52 -4.63 12.17
C PHE A 292 20.09 -3.77 11.04
N PRO A 293 21.03 -2.86 11.35
CA PRO A 293 21.43 -1.86 10.35
C PRO A 293 22.16 -2.51 9.19
N LEU A 294 22.04 -1.90 8.01
CA LEU A 294 22.76 -2.38 6.85
C LEU A 294 24.16 -1.78 6.89
N LYS A 295 25.16 -2.65 6.88
CA LYS A 295 26.54 -2.20 6.84
C LYS A 295 26.92 -1.78 5.44
N ILE A 296 27.97 -0.97 5.35
CA ILE A 296 28.34 -0.27 4.12
C ILE A 296 29.50 -1.02 3.47
N PRO A 297 29.40 -1.40 2.20
CA PRO A 297 30.54 -2.06 1.54
C PRO A 297 31.67 -1.06 1.32
N PRO A 298 32.91 -1.53 1.21
CA PRO A 298 34.00 -0.66 0.75
C PRO A 298 33.65 -0.01 -0.59
N ASN A 299 34.16 1.22 -0.76
CA ASN A 299 34.09 1.97 -2.03
C ASN A 299 32.66 2.27 -2.44
N ASP A 300 31.81 2.50 -1.46
CA ASP A 300 30.43 2.77 -1.78
C ASP A 300 30.34 4.06 -2.59
N PRO A 301 29.51 4.08 -3.64
CA PRO A 301 29.39 5.33 -4.43
C PRO A 301 28.84 6.51 -3.66
N ARG A 302 28.27 6.31 -2.49
CA ARG A 302 27.62 7.44 -1.85
C ARG A 302 28.04 7.62 -0.40
N ILE A 303 28.23 6.54 0.34
CA ILE A 303 28.42 6.60 1.78
C ILE A 303 29.90 6.36 2.01
N LYS A 304 30.67 7.46 2.09
CA LYS A 304 32.14 7.35 2.13
C LYS A 304 32.64 6.87 3.47
N ASN A 305 31.88 7.07 4.53
CA ASN A 305 32.29 6.64 5.86
C ASN A 305 31.76 5.22 6.06
N GLN A 306 32.62 4.23 5.87
CA GLN A 306 32.27 2.82 5.89
C GLN A 306 31.82 2.37 7.28
N ALA A 307 32.03 3.21 8.28
CA ALA A 307 31.54 2.98 9.62
C ALA A 307 30.16 3.58 9.82
N ASP A 308 29.55 4.12 8.77
CA ASP A 308 28.17 4.54 8.83
C ASP A 308 27.27 3.33 8.57
N CYS A 309 25.99 3.58 8.42
CA CYS A 309 25.08 2.50 8.10
C CYS A 309 23.77 3.11 7.63
N ILE A 310 23.00 2.31 6.90
CA ILE A 310 21.61 2.61 6.60
C ILE A 310 20.75 2.04 7.73
N PRO A 311 19.95 2.86 8.42
CA PRO A 311 19.13 2.35 9.53
C PRO A 311 18.08 1.36 9.08
N PHE A 312 17.75 0.43 9.98
CA PHE A 312 16.78 -0.63 9.72
C PHE A 312 16.23 -1.11 11.05
N PHE A 313 14.90 -1.07 11.21
CA PHE A 313 14.22 -1.69 12.35
C PHE A 313 13.68 -3.06 11.94
N ARG A 314 13.95 -4.09 12.75
CA ARG A 314 13.32 -5.38 12.56
C ARG A 314 11.81 -5.32 12.78
N SER A 315 11.08 -6.07 11.95
CA SER A 315 9.64 -6.18 12.10
C SER A 315 9.26 -6.77 13.45
N CYS A 316 8.20 -6.24 14.03
CA CYS A 316 7.75 -6.70 15.33
C CYS A 316 7.46 -8.21 15.30
N PRO A 317 7.91 -8.97 16.30
CA PRO A 317 7.56 -10.39 16.37
C PRO A 317 6.10 -10.62 16.76
N ALA A 318 5.52 -11.68 16.17
CA ALA A 318 4.13 -12.06 16.46
C ALA A 318 3.96 -12.56 17.89
N CYS A 319 4.85 -13.43 18.39
CA CYS A 319 4.82 -13.82 19.81
C CYS A 319 6.00 -13.17 20.57
N PRO A 320 5.89 -11.88 20.96
CA PRO A 320 7.07 -11.15 21.47
C PRO A 320 7.58 -11.64 22.82
N GLY A 321 8.91 -11.76 22.92
CA GLY A 321 9.57 -12.18 24.16
C GLY A 321 9.68 -13.68 24.38
N SER A 322 9.98 -14.45 23.33
CA SER A 322 9.85 -15.90 23.37
C SER A 322 10.87 -16.55 22.44
N ASN A 323 11.64 -17.50 22.98
CA ASN A 323 12.61 -18.30 22.22
C ASN A 323 12.12 -19.72 21.96
N ILE A 324 11.29 -20.24 22.85
CA ILE A 324 10.59 -21.50 22.67
C ILE A 324 10.10 -21.66 21.21
N THR A 325 9.82 -20.53 20.51
CA THR A 325 9.17 -20.57 19.19
C THR A 325 9.94 -19.79 18.14
N ILE A 326 9.57 -20.12 16.89
CA ILE A 326 10.16 -19.56 15.70
C ILE A 326 9.48 -18.21 15.42
N ARG A 327 10.30 -17.19 15.17
CA ARG A 327 9.84 -15.83 14.97
C ARG A 327 8.95 -15.71 13.75
N ASN A 328 7.85 -15.00 13.89
CA ASN A 328 7.04 -14.64 12.75
C ASN A 328 6.72 -13.16 12.86
N GLN A 329 6.16 -12.61 11.79
CA GLN A 329 5.82 -11.20 11.75
C GLN A 329 4.31 -11.04 11.63
N ILE A 330 3.84 -9.82 11.82
CA ILE A 330 2.42 -9.50 11.94
C ILE A 330 1.98 -8.76 10.69
N ASN A 331 0.76 -9.05 10.24
CA ASN A 331 0.07 -8.23 9.24
C ASN A 331 -0.95 -7.37 9.96
N ALA A 332 -0.75 -6.06 9.96
CA ALA A 332 -1.69 -5.19 10.65
C ALA A 332 -2.96 -4.97 9.85
N LEU A 333 -3.03 -5.47 8.62
CA LEU A 333 -4.15 -5.20 7.72
C LEU A 333 -4.99 -6.45 7.44
N THR A 334 -6.26 -6.23 7.06
CA THR A 334 -7.07 -7.28 6.45
C THR A 334 -6.44 -7.71 5.14
N SER A 335 -6.26 -9.01 5.01
CA SER A 335 -5.70 -9.55 3.79
C SER A 335 -6.68 -9.50 2.64
N PHE A 336 -7.98 -9.47 2.91
CA PHE A 336 -8.95 -9.43 1.84
C PHE A 336 -8.78 -8.15 1.00
N VAL A 337 -9.03 -8.27 -0.30
CA VAL A 337 -9.25 -7.14 -1.18
C VAL A 337 -10.60 -6.50 -0.89
N ASP A 338 -10.63 -5.59 0.09
CA ASP A 338 -11.87 -5.09 0.68
C ASP A 338 -11.84 -3.58 0.85
N ALA A 339 -10.95 -2.89 0.14
CA ALA A 339 -10.82 -1.44 0.25
C ALA A 339 -10.46 -1.00 1.67
N SER A 340 -9.69 -1.81 2.40
CA SER A 340 -9.27 -1.44 3.76
C SER A 340 -8.28 -0.28 3.76
N MET A 341 -7.65 0.03 2.62
CA MET A 341 -6.88 1.26 2.63
C MET A 341 -7.74 2.51 2.51
N VAL A 342 -9.05 2.40 2.27
CA VAL A 342 -9.98 3.52 2.43
C VAL A 342 -10.59 3.54 3.84
N TYR A 343 -11.07 2.40 4.34
CA TYR A 343 -11.96 2.40 5.49
C TYR A 343 -11.29 2.07 6.81
N GLY A 344 -10.05 1.59 6.78
CA GLY A 344 -9.34 1.17 7.97
C GLY A 344 -9.46 -0.33 8.16
N SER A 345 -8.60 -0.85 9.04
CA SER A 345 -8.60 -2.25 9.41
C SER A 345 -8.78 -2.50 10.89
N GLU A 346 -8.95 -1.47 11.70
CA GLU A 346 -9.32 -1.59 13.10
C GLU A 346 -10.45 -0.61 13.35
N GLU A 347 -11.34 -0.94 14.30
CA GLU A 347 -12.60 -0.19 14.45
C GLU A 347 -12.41 1.25 14.92
N PRO A 348 -11.54 1.56 15.91
CA PRO A 348 -11.27 3.00 16.23
C PRO A 348 -10.93 3.83 15.01
N LEU A 349 -9.92 3.44 14.24
CA LEU A 349 -9.56 4.25 13.07
C LEU A 349 -10.71 4.34 12.08
N ALA A 350 -11.47 3.24 11.90
CA ALA A 350 -12.58 3.26 10.95
C ALA A 350 -13.65 4.27 11.35
N ARG A 351 -13.89 4.45 12.65
CA ARG A 351 -14.81 5.50 13.09
C ARG A 351 -14.20 6.88 12.90
N ASN A 352 -12.90 7.04 13.15
CA ASN A 352 -12.23 8.33 12.91
C ASN A 352 -12.37 8.79 11.46
N LEU A 353 -12.43 7.86 10.52
CA LEU A 353 -12.52 8.22 9.12
C LEU A 353 -13.91 8.62 8.69
N ARG A 354 -14.92 8.40 9.51
CA ARG A 354 -16.29 8.64 9.08
C ARG A 354 -16.74 10.02 9.51
N ASN A 355 -17.72 10.52 8.76
CA ASN A 355 -18.35 11.82 9.02
C ASN A 355 -19.44 11.61 10.02
N MET A 356 -19.17 11.90 11.28
CA MET A 356 -20.18 11.71 12.30
C MET A 356 -21.02 12.98 12.55
N SER A 357 -20.84 14.05 11.78
CA SER A 357 -21.76 15.21 11.88
C SER A 357 -23.16 14.92 11.34
N ASN A 358 -23.46 13.76 10.81
CA ASN A 358 -24.77 13.60 10.21
C ASN A 358 -25.03 12.12 9.87
N GLN A 359 -26.22 11.86 9.35
CA GLN A 359 -26.71 10.52 9.05
C GLN A 359 -26.54 10.18 7.57
N LEU A 360 -25.60 10.81 6.87
CA LEU A 360 -25.48 10.63 5.43
C LEU A 360 -24.51 9.53 5.01
N GLY A 361 -23.76 8.94 5.95
CA GLY A 361 -22.93 7.78 5.64
C GLY A 361 -21.61 8.11 4.97
N LEU A 362 -21.04 9.28 5.27
CA LEU A 362 -19.92 9.82 4.51
C LEU A 362 -18.58 9.59 5.22
N LEU A 363 -17.52 9.57 4.41
CA LEU A 363 -16.19 9.65 4.97
C LEU A 363 -15.88 11.11 5.23
N ALA A 364 -15.21 11.36 6.35
CA ALA A 364 -14.76 12.69 6.72
C ALA A 364 -13.83 13.27 5.68
N VAL A 365 -13.98 14.56 5.41
CA VAL A 365 -13.16 15.29 4.45
C VAL A 365 -12.47 16.46 5.15
N ASN A 366 -11.41 16.93 4.51
CA ASN A 366 -10.64 18.05 5.06
C ASN A 366 -11.53 19.27 5.21
N GLN A 367 -11.44 19.92 6.39
CA GLN A 367 -12.28 21.08 6.73
C GLN A 367 -11.63 22.43 6.42
N ARG A 368 -10.32 22.45 6.19
CA ARG A 368 -9.54 23.66 5.99
C ARG A 368 -9.15 23.91 4.55
N PHE A 369 -9.12 22.87 3.69
CA PHE A 369 -8.65 23.00 2.32
C PHE A 369 -9.52 22.18 1.38
N GLN A 370 -9.58 22.64 0.14
CA GLN A 370 -10.35 22.01 -0.91
C GLN A 370 -9.56 22.13 -2.21
N ASP A 371 -9.85 21.23 -3.14
CA ASP A 371 -9.16 21.09 -4.43
C ASP A 371 -10.19 21.46 -5.49
N ASN A 372 -10.19 22.75 -5.87
CA ASN A 372 -11.20 23.34 -6.74
C ASN A 372 -12.60 22.93 -6.29
N GLY A 373 -12.85 23.09 -5.00
CA GLY A 373 -14.16 22.75 -4.48
C GLY A 373 -14.49 21.26 -4.41
N ARG A 374 -13.49 20.38 -4.46
CA ARG A 374 -13.66 18.95 -4.26
C ARG A 374 -12.88 18.48 -3.03
N ALA A 375 -13.36 17.41 -2.41
CA ALA A 375 -12.85 17.01 -1.10
C ALA A 375 -11.38 16.59 -1.13
N LEU A 376 -10.70 16.88 -0.03
CA LEU A 376 -9.37 16.37 0.25
C LEU A 376 -9.45 15.53 1.52
N LEU A 377 -8.47 14.65 1.70
CA LEU A 377 -8.41 13.84 2.91
C LEU A 377 -8.24 14.71 4.16
N PRO A 378 -8.80 14.31 5.28
CA PRO A 378 -8.51 15.01 6.53
C PRO A 378 -7.04 14.93 6.85
N PHE A 379 -6.63 15.76 7.81
CA PHE A 379 -5.27 15.76 8.32
C PHE A 379 -5.11 14.83 9.51
N ASP A 380 -3.95 14.19 9.57
CA ASP A 380 -3.56 13.41 10.73
C ASP A 380 -2.82 14.28 11.74
N ASN A 381 -2.68 13.75 12.95
CA ASN A 381 -2.09 14.50 14.05
C ASN A 381 -0.90 13.66 14.54
N LEU A 382 0.29 14.06 14.12
CA LEU A 382 1.54 13.43 14.49
C LEU A 382 2.39 14.43 15.25
N HIS A 383 3.11 13.96 16.26
CA HIS A 383 3.93 14.86 17.06
C HIS A 383 5.19 15.30 16.32
N ASP A 384 5.80 14.39 15.55
CA ASP A 384 6.98 14.73 14.75
C ASP A 384 6.68 14.51 13.27
N ASP A 385 5.65 15.21 12.81
CA ASP A 385 5.02 14.92 11.53
C ASP A 385 6.04 15.01 10.39
N PRO A 386 6.16 14.00 9.55
CA PRO A 386 7.20 14.04 8.51
C PRO A 386 6.85 14.90 7.32
N CYS A 387 5.56 15.07 7.01
CA CYS A 387 5.16 15.89 5.87
C CYS A 387 5.50 17.35 6.07
N LEU A 388 5.71 17.75 7.32
CA LEU A 388 6.06 19.12 7.64
C LEU A 388 7.51 19.36 7.35
N LEU A 389 8.36 18.39 7.67
CA LEU A 389 9.78 18.55 7.37
C LEU A 389 10.03 18.75 5.88
N THR A 390 9.15 18.26 4.99
CA THR A 390 9.49 18.36 3.56
C THR A 390 9.36 19.79 3.06
N ASN A 391 8.60 20.60 3.77
CA ASN A 391 8.43 22.02 3.47
C ASN A 391 8.02 22.69 4.76
N ARG A 392 9.02 23.12 5.52
CA ARG A 392 8.75 23.69 6.84
C ARG A 392 7.89 24.96 6.77
N SER A 393 8.01 25.80 5.72
CA SER A 393 7.17 27.01 5.76
C SER A 393 5.75 26.78 5.22
N ALA A 394 5.46 25.68 4.53
CA ALA A 394 4.08 25.49 4.08
C ALA A 394 3.18 24.91 5.19
N ARG A 395 3.77 24.32 6.22
CA ARG A 395 3.02 23.78 7.37
C ARG A 395 1.75 22.97 6.97
N ILE A 396 1.89 22.05 6.02
CA ILE A 396 0.82 21.12 5.67
C ILE A 396 1.16 19.78 6.29
N PRO A 397 0.34 19.26 7.20
CA PRO A 397 0.65 17.96 7.82
C PRO A 397 0.26 16.82 6.89
N CYS A 398 0.57 15.60 7.34
CA CYS A 398 0.21 14.41 6.60
C CYS A 398 -1.30 14.18 6.63
N PHE A 399 -1.81 13.53 5.59
CA PHE A 399 -3.20 13.16 5.47
C PHE A 399 -3.53 11.90 6.29
N LEU A 400 -4.82 11.64 6.40
CA LEU A 400 -5.36 10.52 7.18
C LEU A 400 -6.21 9.68 6.27
N ALA A 401 -5.81 8.43 6.05
CA ALA A 401 -6.67 7.49 5.31
C ALA A 401 -6.78 6.12 5.99
N GLY A 402 -7.41 5.17 5.31
CA GLY A 402 -7.54 3.84 5.86
C GLY A 402 -6.22 3.19 6.17
N ASP A 403 -5.23 3.40 5.31
CA ASP A 403 -3.87 2.93 5.53
C ASP A 403 -3.01 4.12 5.94
N THR A 404 -2.05 3.87 6.82
CA THR A 404 -1.24 4.93 7.41
C THR A 404 -0.18 5.50 6.47
N ARG A 405 0.03 4.95 5.28
CA ARG A 405 1.10 5.36 4.39
C ARG A 405 0.62 6.31 3.30
N SER A 406 -0.59 6.86 3.43
CA SER A 406 -1.23 7.52 2.30
C SER A 406 -0.51 8.80 1.84
N SER A 407 0.30 9.42 2.69
CA SER A 407 1.04 10.63 2.29
C SER A 407 2.43 10.34 1.78
N GLU A 408 2.85 9.08 1.78
CA GLU A 408 4.20 8.71 1.43
C GLU A 408 4.65 9.28 0.09
N MET A 409 3.72 9.40 -0.81
CA MET A 409 3.95 10.11 -2.09
C MET A 409 2.68 10.74 -2.63
N PRO A 410 2.74 11.84 -3.32
CA PRO A 410 1.48 12.47 -3.73
C PRO A 410 0.70 11.70 -4.76
N GLU A 411 1.33 10.79 -5.50
CA GLU A 411 0.57 9.97 -6.44
C GLU A 411 -0.33 8.99 -5.70
N LEU A 412 0.17 8.47 -4.58
CA LEU A 412 -0.57 7.59 -3.72
C LEU A 412 -1.67 8.36 -3.02
N THR A 413 -1.33 9.54 -2.47
CA THR A 413 -2.32 10.44 -1.89
C THR A 413 -3.46 10.68 -2.85
N SER A 414 -3.16 10.86 -4.14
CA SER A 414 -4.20 11.14 -5.13
C SER A 414 -5.15 9.97 -5.30
N MET A 415 -4.64 8.75 -5.18
CA MET A 415 -5.51 7.58 -5.32
C MET A 415 -6.43 7.44 -4.11
N HIS A 416 -5.89 7.57 -2.90
CA HIS A 416 -6.72 7.61 -1.71
C HIS A 416 -7.77 8.70 -1.79
N THR A 417 -7.36 9.90 -2.25
CA THR A 417 -8.28 11.02 -2.36
C THR A 417 -9.36 10.72 -3.37
N LEU A 418 -8.99 10.07 -4.46
CA LEU A 418 -9.95 9.66 -5.46
C LEU A 418 -11.00 8.73 -4.90
N LEU A 419 -10.60 7.70 -4.13
CA LEU A 419 -11.57 6.71 -3.67
C LEU A 419 -12.43 7.26 -2.55
N LEU A 420 -11.89 8.19 -1.77
CA LEU A 420 -12.70 8.83 -0.74
C LEU A 420 -13.85 9.60 -1.37
N ARG A 421 -13.58 10.36 -2.44
CA ARG A 421 -14.63 11.08 -3.15
C ARG A 421 -15.66 10.14 -3.73
N GLU A 422 -15.21 9.09 -4.42
CA GLU A 422 -16.13 8.10 -4.95
C GLU A 422 -17.01 7.49 -3.86
N HIS A 423 -16.46 7.27 -2.67
CA HIS A 423 -17.32 6.75 -1.63
C HIS A 423 -18.44 7.74 -1.38
N ASN A 424 -18.09 8.98 -1.08
CA ASN A 424 -19.08 10.01 -0.80
C ASN A 424 -20.04 10.21 -1.97
N ARG A 425 -19.53 10.19 -3.20
CA ARG A 425 -20.42 10.28 -4.36
C ARG A 425 -21.47 9.17 -4.39
N LEU A 426 -21.07 7.94 -4.06
CA LEU A 426 -22.02 6.82 -4.10
C LEU A 426 -22.98 6.87 -2.92
N ALA A 427 -22.50 7.22 -1.74
CA ALA A 427 -23.43 7.38 -0.62
C ALA A 427 -24.43 8.48 -0.91
N THR A 428 -24.02 9.54 -1.63
CA THR A 428 -24.97 10.60 -1.95
C THR A 428 -26.05 10.13 -2.92
N GLU A 429 -25.67 9.45 -4.01
CA GLU A 429 -26.68 8.87 -4.90
C GLU A 429 -27.61 7.93 -4.15
N LEU A 430 -27.04 7.04 -3.33
CA LEU A 430 -27.85 6.02 -2.67
C LEU A 430 -28.92 6.62 -1.75
N LYS A 431 -28.63 7.76 -1.12
CA LYS A 431 -29.61 8.43 -0.26
C LYS A 431 -30.75 9.01 -1.08
N SER A 432 -30.45 9.56 -2.24
CA SER A 432 -31.48 10.02 -3.17
C SER A 432 -32.39 8.88 -3.62
N LEU A 433 -31.84 7.67 -3.75
CA LEU A 433 -32.60 6.50 -4.16
C LEU A 433 -33.33 5.84 -3.01
N ASN A 434 -32.84 6.01 -1.80
CA ASN A 434 -33.38 5.30 -0.64
C ASN A 434 -33.43 6.29 0.49
N PRO A 435 -34.33 7.27 0.42
CA PRO A 435 -34.30 8.38 1.39
C PRO A 435 -34.48 7.95 2.84
N ARG A 436 -35.07 6.78 3.10
CA ARG A 436 -35.26 6.28 4.46
C ARG A 436 -34.00 5.67 5.09
N TRP A 437 -32.99 5.33 4.29
CA TRP A 437 -31.80 4.65 4.78
C TRP A 437 -31.04 5.51 5.78
N ASP A 438 -30.61 4.88 6.88
CA ASP A 438 -29.83 5.60 7.87
C ASP A 438 -28.35 5.63 7.49
N GLY A 439 -27.56 6.40 8.25
CA GLY A 439 -26.18 6.60 7.89
C GLY A 439 -25.42 5.28 7.77
N GLU A 440 -25.56 4.42 8.76
CA GLU A 440 -24.88 3.13 8.75
C GLU A 440 -25.13 2.37 7.46
N ARG A 441 -26.40 2.14 7.11
CA ARG A 441 -26.73 1.42 5.87
C ARG A 441 -26.05 2.05 4.66
N LEU A 442 -26.07 3.38 4.59
CA LEU A 442 -25.47 4.12 3.47
C LEU A 442 -23.96 3.93 3.42
N TYR A 443 -23.29 4.08 4.56
CA TYR A 443 -21.86 3.81 4.65
C TYR A 443 -21.53 2.38 4.20
N GLN A 444 -22.29 1.39 4.68
CA GLN A 444 -21.96 0.01 4.40
C GLN A 444 -22.22 -0.34 2.94
N GLU A 445 -23.28 0.20 2.37
CA GLU A 445 -23.56 -0.07 0.97
C GLU A 445 -22.54 0.59 0.05
N ALA A 446 -22.16 1.84 0.34
CA ALA A 446 -21.13 2.49 -0.46
C ALA A 446 -19.80 1.77 -0.31
N ARG A 447 -19.40 1.51 0.94
CA ARG A 447 -18.20 0.73 1.22
C ARG A 447 -18.19 -0.60 0.50
N LYS A 448 -19.34 -1.18 0.29
CA LYS A 448 -19.41 -2.47 -0.37
C LYS A 448 -19.24 -2.35 -1.87
N ILE A 449 -19.66 -1.23 -2.46
CA ILE A 449 -19.44 -1.02 -3.89
C ILE A 449 -17.96 -0.70 -4.14
N VAL A 450 -17.39 0.25 -3.38
CA VAL A 450 -15.97 0.58 -3.46
C VAL A 450 -15.12 -0.69 -3.40
N GLY A 451 -15.41 -1.55 -2.43
CA GLY A 451 -14.71 -2.83 -2.34
C GLY A 451 -14.82 -3.65 -3.61
N ALA A 452 -16.01 -3.75 -4.17
CA ALA A 452 -16.18 -4.51 -5.40
C ALA A 452 -15.42 -3.86 -6.54
N MET A 453 -15.32 -2.53 -6.55
CA MET A 453 -14.59 -1.86 -7.62
C MET A 453 -13.10 -2.13 -7.53
N VAL A 454 -12.53 -2.17 -6.32
CA VAL A 454 -11.12 -2.51 -6.19
C VAL A 454 -10.87 -3.95 -6.63
N GLN A 455 -11.81 -4.84 -6.34
CA GLN A 455 -11.69 -6.24 -6.78
C GLN A 455 -11.74 -6.35 -8.29
N ILE A 456 -12.63 -5.61 -8.95
CA ILE A 456 -12.82 -5.74 -10.39
C ILE A 456 -11.62 -5.17 -11.15
N ILE A 457 -11.24 -3.94 -10.82
CA ILE A 457 -10.09 -3.31 -11.47
C ILE A 457 -8.84 -4.17 -11.28
N THR A 458 -8.68 -4.73 -10.07
CA THR A 458 -7.51 -5.55 -9.78
C THR A 458 -7.49 -6.82 -10.63
N TYR A 459 -8.58 -7.60 -10.60
CA TYR A 459 -8.59 -8.90 -11.26
C TYR A 459 -8.98 -8.84 -12.71
N ARG A 460 -9.77 -7.87 -13.13
CA ARG A 460 -10.08 -7.78 -14.55
C ARG A 460 -9.02 -7.02 -15.33
N ASP A 461 -8.48 -5.91 -14.78
CA ASP A 461 -7.60 -5.01 -15.51
C ASP A 461 -6.14 -5.01 -15.06
N TYR A 462 -5.84 -5.20 -13.77
CA TYR A 462 -4.45 -5.07 -13.32
C TYR A 462 -3.67 -6.39 -13.37
N LEU A 463 -4.19 -7.44 -12.70
CA LEU A 463 -3.45 -8.69 -12.60
C LEU A 463 -3.11 -9.31 -13.95
N PRO A 464 -3.99 -9.32 -14.95
CA PRO A 464 -3.60 -9.87 -16.27
C PRO A 464 -2.35 -9.25 -16.87
N LEU A 465 -2.15 -7.95 -16.69
CA LEU A 465 -0.99 -7.24 -17.19
C LEU A 465 0.24 -7.40 -16.30
N VAL A 466 0.07 -7.93 -15.10
CA VAL A 466 1.20 -8.33 -14.25
C VAL A 466 1.69 -9.70 -14.67
N LEU A 467 0.77 -10.68 -14.67
CA LEU A 467 1.12 -12.09 -14.85
C LEU A 467 1.32 -12.46 -16.31
N GLY A 468 0.66 -11.75 -17.23
CA GLY A 468 0.57 -12.19 -18.60
C GLY A 468 -0.40 -13.36 -18.71
N PRO A 469 -0.86 -13.64 -19.93
CA PRO A 469 -1.95 -14.64 -20.12
C PRO A 469 -1.67 -16.06 -19.65
N THR A 470 -0.51 -16.63 -19.98
CA THR A 470 -0.21 -18.00 -19.60
C THR A 470 -0.32 -18.19 -18.09
N ALA A 471 0.47 -17.43 -17.34
CA ALA A 471 0.43 -17.49 -15.90
C ALA A 471 -0.96 -17.17 -15.35
N MET A 472 -1.64 -16.22 -15.98
CA MET A 472 -2.96 -15.80 -15.51
C MET A 472 -3.95 -16.96 -15.60
N ARG A 473 -3.88 -17.75 -16.67
CA ARG A 473 -4.75 -18.92 -16.79
C ARG A 473 -4.30 -20.06 -15.88
N LYS A 474 -2.99 -20.18 -15.66
CA LYS A 474 -2.50 -21.27 -14.82
C LYS A 474 -2.74 -21.02 -13.32
N TYR A 475 -2.51 -19.80 -12.82
CA TYR A 475 -2.64 -19.55 -11.39
C TYR A 475 -3.95 -18.89 -10.99
N LEU A 476 -4.67 -18.29 -11.93
CA LEU A 476 -5.96 -17.65 -11.65
C LEU A 476 -7.05 -18.21 -12.56
N PRO A 477 -7.33 -19.51 -12.47
CA PRO A 477 -8.42 -20.07 -13.26
C PRO A 477 -9.72 -19.40 -12.89
N THR A 478 -10.74 -19.65 -13.69
CA THR A 478 -11.97 -18.88 -13.57
C THR A 478 -12.71 -19.25 -12.30
N TYR A 479 -13.30 -18.21 -11.69
CA TYR A 479 -13.93 -18.36 -10.39
C TYR A 479 -15.10 -19.32 -10.47
N ARG A 480 -15.16 -20.27 -9.52
CA ARG A 480 -16.24 -21.22 -9.37
C ARG A 480 -17.14 -20.88 -8.20
N SER A 481 -16.56 -20.59 -7.03
CA SER A 481 -17.30 -20.13 -5.86
C SER A 481 -16.42 -20.06 -4.63
N TYR A 482 -17.03 -19.54 -3.58
CA TYR A 482 -16.38 -19.46 -2.30
C TYR A 482 -16.07 -20.85 -1.78
N ASN A 483 -14.84 -20.99 -1.30
CA ASN A 483 -14.30 -22.23 -0.72
C ASN A 483 -13.80 -21.89 0.66
N ASP A 484 -14.49 -22.34 1.69
CA ASP A 484 -14.11 -21.99 3.05
C ASP A 484 -12.96 -22.85 3.59
N SER A 485 -12.35 -23.70 2.76
CA SER A 485 -11.12 -24.38 3.13
C SER A 485 -9.87 -23.68 2.64
N VAL A 486 -10.00 -22.64 1.80
CA VAL A 486 -8.85 -21.89 1.32
C VAL A 486 -8.45 -20.89 2.39
N ASP A 487 -7.15 -20.77 2.59
CA ASP A 487 -6.56 -19.89 3.59
C ASP A 487 -6.35 -18.55 2.91
N PRO A 488 -7.06 -17.49 3.30
CA PRO A 488 -6.85 -16.19 2.67
C PRO A 488 -5.72 -15.35 3.25
N ARG A 489 -4.97 -15.84 4.25
CA ARG A 489 -3.92 -15.02 4.83
C ARG A 489 -2.87 -14.67 3.79
N ILE A 490 -2.28 -13.50 3.95
CA ILE A 490 -1.08 -13.15 3.19
C ILE A 490 0.06 -14.02 3.68
N ALA A 491 0.80 -14.59 2.72
CA ALA A 491 2.08 -15.24 3.05
C ALA A 491 3.19 -14.19 3.34
N ASN A 492 4.00 -14.50 4.35
CA ASN A 492 5.23 -13.76 4.58
C ASN A 492 5.99 -13.46 3.29
N VAL A 493 6.18 -14.46 2.43
CA VAL A 493 6.96 -14.25 1.21
C VAL A 493 6.31 -13.21 0.30
N PHE A 494 4.97 -13.15 0.28
CA PHE A 494 4.30 -12.21 -0.63
C PHE A 494 4.68 -10.76 -0.31
N THR A 495 4.76 -10.38 0.97
CA THR A 495 5.11 -9.01 1.32
C THR A 495 6.43 -8.59 0.69
N ASN A 496 7.29 -9.54 0.35
CA ASN A 496 8.57 -9.23 -0.28
C ASN A 496 8.52 -9.36 -1.79
N ALA A 497 7.81 -10.37 -2.31
CA ALA A 497 7.69 -10.57 -3.74
C ALA A 497 6.85 -9.49 -4.40
N PHE A 498 5.77 -9.05 -3.76
CA PHE A 498 4.94 -8.07 -4.43
C PHE A 498 5.60 -6.69 -4.52
N ARG A 499 6.80 -6.48 -3.88
CA ARG A 499 7.66 -5.30 -4.05
C ARG A 499 8.35 -5.25 -5.42
N TYR A 500 7.97 -6.20 -6.29
CA TYR A 500 8.42 -6.19 -7.67
C TYR A 500 8.22 -4.83 -8.31
N GLY A 501 7.16 -4.11 -7.92
CA GLY A 501 6.82 -2.86 -8.60
C GLY A 501 7.80 -1.72 -8.38
N HIS A 502 8.73 -1.84 -7.43
CA HIS A 502 9.82 -0.89 -7.31
C HIS A 502 10.60 -0.77 -8.61
N THR A 503 10.67 -1.85 -9.39
CA THR A 503 11.28 -1.78 -10.71
C THR A 503 10.47 -0.97 -11.72
N LEU A 504 9.23 -0.56 -11.42
CA LEU A 504 8.43 0.23 -12.36
C LEU A 504 8.53 1.72 -12.09
N ILE A 505 9.27 2.13 -11.08
CA ILE A 505 9.21 3.51 -10.60
C ILE A 505 10.09 4.39 -11.49
N GLN A 506 9.46 5.41 -12.09
CA GLN A 506 10.13 6.54 -12.72
C GLN A 506 10.76 7.45 -11.66
N PRO A 507 11.86 8.13 -11.99
CA PRO A 507 12.49 9.01 -10.99
C PRO A 507 11.85 10.39 -10.84
N PHE A 508 10.75 10.69 -11.54
CA PHE A 508 10.04 11.96 -11.34
C PHE A 508 8.57 11.71 -11.09
N MET A 509 7.94 12.71 -10.50
CA MET A 509 6.50 12.85 -10.52
C MET A 509 6.14 13.83 -11.63
N PHE A 510 5.20 13.43 -12.48
CA PHE A 510 4.86 14.19 -13.67
C PHE A 510 3.49 14.76 -13.47
N ARG A 511 3.35 16.08 -13.63
CA ARG A 511 2.06 16.75 -13.54
C ARG A 511 1.75 17.39 -14.89
N LEU A 512 0.53 17.16 -15.38
CA LEU A 512 0.12 17.63 -16.70
C LEU A 512 -1.14 18.47 -16.53
N ASP A 513 -1.29 19.52 -17.37
CA ASP A 513 -2.40 20.45 -17.27
C ASP A 513 -3.60 19.91 -18.06
N ASN A 514 -4.66 20.71 -18.16
CA ASN A 514 -5.91 20.29 -18.79
C ASN A 514 -5.80 20.07 -20.30
N ARG A 515 -4.65 20.34 -20.91
CA ARG A 515 -4.38 19.90 -22.27
C ARG A 515 -3.23 18.87 -22.29
N TYR A 516 -2.98 18.23 -21.16
CA TYR A 516 -1.97 17.17 -21.06
C TYR A 516 -0.59 17.67 -21.48
N GLN A 517 -0.29 18.93 -21.11
CA GLN A 517 1.04 19.49 -21.33
C GLN A 517 1.75 19.77 -20.01
N PRO A 518 3.08 19.71 -19.98
CA PRO A 518 3.80 19.94 -18.73
C PRO A 518 3.28 21.18 -18.00
N MET A 519 3.06 21.01 -16.69
CA MET A 519 2.46 22.03 -15.85
C MET A 519 3.58 22.82 -15.19
N GLU A 520 3.60 24.16 -15.42
CA GLU A 520 4.72 24.95 -14.91
C GLU A 520 4.36 25.56 -13.56
N PRO A 521 5.35 25.89 -12.72
CA PRO A 521 6.81 25.94 -12.94
C PRO A 521 7.59 24.59 -12.99
N ASN A 522 7.15 23.58 -12.21
CA ASN A 522 7.91 22.32 -12.05
C ASN A 522 7.06 21.13 -12.49
N PRO A 523 7.14 20.73 -13.77
CA PRO A 523 6.35 19.58 -14.23
C PRO A 523 7.01 18.21 -13.97
N ARG A 524 8.26 18.19 -13.52
CA ARG A 524 8.99 16.95 -13.29
C ARG A 524 9.77 17.14 -11.99
N VAL A 525 9.16 16.74 -10.88
CA VAL A 525 9.82 16.83 -9.58
C VAL A 525 10.55 15.52 -9.32
N PRO A 526 11.84 15.56 -8.95
CA PRO A 526 12.52 14.33 -8.54
C PRO A 526 11.85 13.70 -7.34
N LEU A 527 11.76 12.37 -7.35
CA LEU A 527 11.02 11.67 -6.31
C LEU A 527 11.54 12.03 -4.93
N SER A 528 12.86 12.22 -4.81
CA SER A 528 13.49 12.50 -3.53
C SER A 528 13.01 13.79 -2.89
N ARG A 529 12.15 14.57 -3.58
CA ARG A 529 11.56 15.78 -3.03
C ARG A 529 10.03 15.75 -3.07
N VAL A 530 9.44 14.57 -3.26
CA VAL A 530 8.00 14.39 -3.09
C VAL A 530 7.64 13.43 -1.98
N PHE A 531 8.58 12.63 -1.47
CA PHE A 531 8.24 11.76 -0.36
C PHE A 531 7.65 12.58 0.78
N PHE A 532 6.47 12.20 1.23
CA PHE A 532 5.80 12.87 2.35
C PHE A 532 5.54 14.34 2.07
N ALA A 533 5.34 14.73 0.82
CA ALA A 533 5.16 16.14 0.51
C ALA A 533 3.69 16.41 0.23
N SER A 534 2.91 16.31 1.30
CA SER A 534 1.48 16.59 1.18
C SER A 534 1.21 18.03 0.79
N TRP A 535 2.13 18.94 1.09
CA TRP A 535 1.93 20.32 0.67
C TRP A 535 1.78 20.47 -0.84
N ARG A 536 2.38 19.57 -1.63
CA ARG A 536 2.25 19.68 -3.08
C ARG A 536 0.83 19.43 -3.58
N VAL A 537 0.05 18.62 -2.90
CA VAL A 537 -1.35 18.46 -3.30
C VAL A 537 -2.17 19.69 -2.92
N VAL A 538 -1.94 20.23 -1.72
CA VAL A 538 -2.77 21.34 -1.24
C VAL A 538 -2.45 22.63 -1.97
N LEU A 539 -1.16 22.88 -2.25
CA LEU A 539 -0.69 24.17 -2.75
C LEU A 539 -0.31 24.19 -4.21
N GLU A 540 0.06 23.07 -4.81
CA GLU A 540 0.51 23.07 -6.19
C GLU A 540 -0.49 22.38 -7.12
N GLY A 541 -1.78 22.51 -6.83
CA GLY A 541 -2.81 22.23 -7.83
C GLY A 541 -3.67 20.98 -7.71
N GLY A 542 -3.93 20.53 -6.49
CA GLY A 542 -4.78 19.34 -6.32
C GLY A 542 -4.27 18.06 -6.96
N ILE A 543 -5.22 17.15 -7.22
CA ILE A 543 -4.88 15.80 -7.67
C ILE A 543 -5.04 15.60 -9.18
N ASP A 544 -5.69 16.53 -9.88
CA ASP A 544 -5.86 16.40 -11.34
C ASP A 544 -4.52 16.36 -12.09
N PRO A 545 -3.59 17.28 -11.88
CA PRO A 545 -2.34 17.19 -12.65
C PRO A 545 -1.56 15.92 -12.36
N ILE A 546 -1.63 15.44 -11.12
CA ILE A 546 -0.98 14.19 -10.73
C ILE A 546 -1.65 13.01 -11.41
N LEU A 547 -2.99 13.00 -11.46
CA LEU A 547 -3.67 11.89 -12.10
C LEU A 547 -3.41 11.84 -13.59
N ARG A 548 -3.30 13.01 -14.24
CA ARG A 548 -3.04 13.06 -15.69
C ARG A 548 -1.61 12.68 -16.00
N GLY A 549 -0.68 12.96 -15.09
CA GLY A 549 0.66 12.44 -15.24
C GLY A 549 0.70 10.93 -15.15
N LEU A 550 -0.12 10.34 -14.26
CA LEU A 550 -0.14 8.89 -14.13
C LEU A 550 -0.68 8.22 -15.38
N MET A 551 -1.75 8.79 -15.98
CA MET A 551 -2.38 8.18 -17.15
C MET A 551 -1.54 8.31 -18.42
N ALA A 552 -0.77 9.39 -18.55
CA ALA A 552 -0.10 9.74 -19.80
C ALA A 552 1.42 9.74 -19.70
N THR A 553 1.97 9.16 -18.66
CA THR A 553 3.39 8.93 -18.62
C THR A 553 3.63 7.42 -18.59
N PRO A 554 4.62 6.93 -19.33
CA PRO A 554 4.90 5.49 -19.27
C PRO A 554 5.61 5.12 -17.98
N ALA A 555 5.30 3.92 -17.49
CA ALA A 555 6.07 3.34 -16.41
C ALA A 555 7.48 3.00 -16.89
N LYS A 556 8.40 2.91 -15.94
CA LYS A 556 9.72 2.39 -16.23
C LYS A 556 9.62 0.89 -16.52
N LEU A 557 10.42 0.43 -17.47
CA LEU A 557 10.45 -0.99 -17.76
C LEU A 557 11.54 -1.65 -16.96
N ASN A 558 11.23 -2.83 -16.42
CA ASN A 558 12.23 -3.63 -15.75
C ASN A 558 13.11 -4.31 -16.79
N ARG A 559 14.41 -4.09 -16.69
CA ARG A 559 15.37 -4.82 -17.51
C ARG A 559 16.56 -5.21 -16.66
N GLN A 560 17.21 -6.32 -17.07
CA GLN A 560 18.17 -7.03 -16.23
C GLN A 560 19.40 -6.20 -15.92
N ASN A 561 19.65 -5.13 -16.69
CA ASN A 561 20.70 -4.17 -16.36
C ASN A 561 20.15 -2.79 -16.02
N GLN A 562 18.84 -2.66 -15.76
CA GLN A 562 18.23 -1.39 -15.35
C GLN A 562 17.11 -1.67 -14.35
N ILE A 563 17.46 -2.25 -13.21
CA ILE A 563 16.46 -2.83 -12.31
C ILE A 563 15.69 -1.74 -11.56
N ALA A 564 16.39 -0.86 -10.82
CA ALA A 564 15.71 0.17 -10.03
C ALA A 564 16.53 1.45 -9.96
N VAL A 565 15.81 2.58 -9.91
CA VAL A 565 16.40 3.91 -10.10
C VAL A 565 16.99 4.46 -8.80
N ASP A 566 17.91 5.40 -8.95
CA ASP A 566 18.66 5.91 -7.81
C ASP A 566 17.82 6.81 -6.92
N GLU A 567 16.74 7.41 -7.44
CA GLU A 567 15.85 8.17 -6.55
C GLU A 567 15.39 7.32 -5.36
N ILE A 568 15.18 6.01 -5.55
CA ILE A 568 14.83 5.13 -4.43
C ILE A 568 16.01 4.30 -3.91
N ARG A 569 17.06 4.09 -4.72
CA ARG A 569 18.25 3.36 -4.27
C ARG A 569 19.26 4.21 -3.50
N GLU A 570 19.24 5.54 -3.66
CA GLU A 570 20.20 6.42 -2.99
C GLU A 570 19.54 7.52 -2.16
N ARG A 571 18.28 7.87 -2.44
CA ARG A 571 17.70 9.08 -1.88
C ARG A 571 16.31 8.86 -1.29
N LEU A 572 15.98 7.63 -0.92
CA LEU A 572 14.67 7.35 -0.35
C LEU A 572 14.54 8.05 0.99
N PHE A 573 13.48 8.87 1.11
CA PHE A 573 13.16 9.63 2.31
C PHE A 573 14.27 10.61 2.71
N GLU A 574 15.06 11.06 1.73
CA GLU A 574 16.17 11.99 2.01
C GLU A 574 15.75 13.21 2.84
N GLN A 575 14.62 13.83 2.50
CA GLN A 575 14.21 15.04 3.18
C GLN A 575 13.74 14.83 4.62
N VAL A 576 13.52 13.61 5.08
CA VAL A 576 12.85 13.47 6.38
C VAL A 576 13.69 12.58 7.29
N MET A 577 14.99 12.54 7.04
CA MET A 577 15.76 11.45 7.61
C MET A 577 17.23 11.86 7.58
N ARG A 578 18.01 11.31 8.52
CA ARG A 578 19.42 11.71 8.59
C ARG A 578 20.18 11.27 7.35
N ILE A 579 19.77 10.19 6.71
CA ILE A 579 20.48 9.67 5.55
C ILE A 579 19.45 9.13 4.58
N GLY A 580 19.82 9.12 3.30
CA GLY A 580 18.95 8.56 2.28
C GLY A 580 19.01 7.03 2.33
N LEU A 581 17.83 6.41 2.25
CA LEU A 581 17.76 4.97 2.32
C LEU A 581 17.88 4.38 0.92
N ASP A 582 18.13 3.08 0.90
CA ASP A 582 18.30 2.29 -0.31
C ASP A 582 17.15 1.28 -0.30
N LEU A 583 16.10 1.55 -1.05
CA LEU A 583 14.92 0.69 -1.00
C LEU A 583 15.22 -0.72 -1.46
N PRO A 584 15.83 -0.95 -2.62
CA PRO A 584 16.22 -2.33 -2.97
C PRO A 584 17.02 -3.06 -1.91
N ALA A 585 17.97 -2.38 -1.26
CA ALA A 585 18.75 -3.02 -0.21
C ALA A 585 17.89 -3.31 1.03
N LEU A 586 16.93 -2.45 1.32
CA LEU A 586 16.00 -2.73 2.40
C LEU A 586 15.17 -3.97 2.09
N ASN A 587 14.76 -4.16 0.83
CA ASN A 587 13.97 -5.36 0.53
C ASN A 587 14.75 -6.63 0.89
N MET A 588 16.04 -6.66 0.58
CA MET A 588 16.80 -7.87 0.88
C MET A 588 17.06 -8.00 2.37
N GLN A 589 17.36 -6.90 3.04
CA GLN A 589 17.52 -6.98 4.47
C GLN A 589 16.21 -7.41 5.13
N ARG A 590 15.09 -6.96 4.58
CA ARG A 590 13.78 -7.30 5.14
C ARG A 590 13.47 -8.77 4.95
N SER A 591 13.82 -9.32 3.80
CA SER A 591 13.61 -10.76 3.62
C SER A 591 14.45 -11.57 4.62
N ARG A 592 15.62 -11.06 5.03
CA ARG A 592 16.42 -11.79 5.99
C ARG A 592 15.90 -11.62 7.40
N ASP A 593 15.55 -10.39 7.79
CA ASP A 593 14.72 -10.11 8.97
C ASP A 593 13.58 -11.11 9.11
N HIS A 594 12.88 -11.41 8.01
CA HIS A 594 11.69 -12.25 8.05
C HIS A 594 12.01 -13.74 7.95
N GLY A 595 13.29 -14.12 7.86
CA GLY A 595 13.64 -15.51 7.76
C GLY A 595 13.13 -16.15 6.51
N LEU A 596 13.01 -15.39 5.43
CA LEU A 596 12.54 -15.97 4.18
C LEU A 596 13.64 -16.84 3.60
N PRO A 597 13.33 -18.07 3.19
CA PRO A 597 14.26 -18.86 2.42
C PRO A 597 14.60 -18.18 1.11
N GLY A 598 15.66 -18.70 0.49
CA GLY A 598 16.27 -18.08 -0.66
C GLY A 598 15.67 -18.53 -1.97
N TYR A 599 16.36 -18.17 -3.04
CA TYR A 599 15.75 -18.21 -4.36
C TYR A 599 15.34 -19.63 -4.74
N ASN A 600 16.24 -20.60 -4.50
CA ASN A 600 16.00 -21.95 -5.01
C ASN A 600 14.87 -22.62 -4.26
N ALA A 601 14.78 -22.38 -2.97
CA ALA A 601 13.71 -22.99 -2.21
C ALA A 601 12.35 -22.54 -2.75
N TRP A 602 12.20 -21.25 -3.11
CA TRP A 602 10.94 -20.77 -3.68
C TRP A 602 10.77 -21.26 -5.11
N ARG A 603 11.86 -21.49 -5.84
CA ARG A 603 11.74 -22.16 -7.12
C ARG A 603 11.17 -23.57 -6.95
N ARG A 604 11.63 -24.31 -5.95
CA ARG A 604 11.12 -25.65 -5.72
C ARG A 604 9.66 -25.62 -5.28
N PHE A 605 9.30 -24.66 -4.42
CA PHE A 605 7.90 -24.52 -4.03
C PHE A 605 7.01 -24.25 -5.24
N CYS A 606 7.53 -23.53 -6.21
CA CYS A 606 6.76 -23.24 -7.42
C CYS A 606 6.88 -24.32 -8.48
N GLY A 607 7.52 -25.46 -8.17
CA GLY A 607 7.76 -26.49 -9.16
C GLY A 607 8.51 -26.01 -10.38
N LEU A 608 9.67 -25.39 -10.18
CA LEU A 608 10.52 -24.92 -11.26
C LEU A 608 11.95 -25.39 -11.06
N PRO A 609 12.74 -25.47 -12.14
CA PRO A 609 14.15 -25.89 -12.03
C PRO A 609 14.95 -25.06 -11.04
N GLN A 610 15.70 -25.73 -10.16
CA GLN A 610 16.61 -25.06 -9.25
C GLN A 610 18.04 -25.05 -9.79
N PRO A 611 18.54 -23.95 -10.36
CA PRO A 611 19.93 -23.90 -10.83
C PRO A 611 20.89 -24.01 -9.65
N GLU A 612 21.92 -24.87 -9.78
CA GLU A 612 22.98 -24.95 -8.78
C GLU A 612 24.28 -24.31 -9.22
N THR A 613 24.49 -24.09 -10.52
CA THR A 613 25.75 -23.58 -11.05
C THR A 613 25.52 -22.35 -11.92
N VAL A 614 26.60 -21.62 -12.16
CA VAL A 614 26.49 -20.38 -12.93
C VAL A 614 25.97 -20.59 -14.33
N GLY A 615 26.24 -21.74 -14.94
CA GLY A 615 25.79 -21.97 -16.31
C GLY A 615 24.31 -22.25 -16.33
N GLN A 616 23.86 -23.01 -15.33
CA GLN A 616 22.43 -23.23 -15.17
C GLN A 616 21.70 -21.92 -14.91
N LEU A 617 22.27 -21.08 -14.03
CA LEU A 617 21.63 -19.82 -13.68
C LEU A 617 21.55 -18.90 -14.89
N GLY A 618 22.64 -18.78 -15.66
CA GLY A 618 22.61 -17.98 -16.88
C GLY A 618 21.48 -18.37 -17.80
N THR A 619 21.13 -19.66 -17.82
CA THR A 619 20.08 -20.18 -18.70
C THR A 619 18.68 -19.88 -18.14
N VAL A 620 18.50 -19.99 -16.83
CA VAL A 620 17.23 -19.57 -16.22
C VAL A 620 16.93 -18.12 -16.58
N LEU A 621 17.96 -17.27 -16.52
CA LEU A 621 17.82 -15.83 -16.73
C LEU A 621 18.03 -15.41 -18.18
N ARG A 622 18.53 -16.28 -19.04
CA ARG A 622 18.85 -15.90 -20.41
C ARG A 622 19.78 -14.69 -20.41
N ASN A 623 20.76 -14.76 -19.51
CA ASN A 623 21.68 -13.66 -19.26
C ASN A 623 22.85 -14.16 -18.45
N LEU A 624 23.91 -14.62 -19.11
CA LEU A 624 25.05 -15.11 -18.36
C LEU A 624 25.76 -13.97 -17.63
N LYS A 625 25.67 -12.75 -18.17
CA LYS A 625 26.36 -11.63 -17.56
C LYS A 625 25.81 -11.39 -16.17
N LEU A 626 24.49 -11.47 -16.02
CA LEU A 626 23.84 -11.27 -14.73
C LEU A 626 24.04 -12.47 -13.81
N ALA A 627 24.08 -13.68 -14.37
CA ALA A 627 24.38 -14.86 -13.59
C ALA A 627 25.71 -14.73 -12.86
N ARG A 628 26.74 -14.26 -13.55
CA ARG A 628 28.05 -14.08 -12.92
C ARG A 628 27.95 -13.12 -11.73
N LYS A 629 27.36 -11.94 -11.94
CA LYS A 629 27.19 -10.99 -10.85
C LYS A 629 26.54 -11.64 -9.64
N LEU A 630 25.47 -12.40 -9.86
CA LEU A 630 24.76 -12.99 -8.74
C LEU A 630 25.61 -14.02 -8.02
N MET A 631 26.35 -14.87 -8.75
CA MET A 631 27.23 -15.85 -8.10
C MET A 631 28.33 -15.18 -7.31
N GLU A 632 28.87 -14.06 -7.84
CA GLU A 632 29.95 -13.36 -7.14
C GLU A 632 29.47 -12.75 -5.82
N GLN A 633 28.29 -12.12 -5.80
CA GLN A 633 27.72 -11.65 -4.52
C GLN A 633 27.35 -12.82 -3.60
N TYR A 634 26.57 -13.77 -4.09
CA TYR A 634 25.90 -14.69 -3.18
C TYR A 634 26.63 -15.99 -2.94
N GLY A 635 27.45 -16.43 -3.89
CA GLY A 635 28.18 -17.69 -3.78
C GLY A 635 27.44 -18.87 -4.38
N THR A 636 26.13 -18.94 -4.17
CA THR A 636 25.30 -19.98 -4.77
C THR A 636 23.89 -19.45 -5.01
N PRO A 637 23.20 -19.94 -6.04
CA PRO A 637 21.81 -19.50 -6.24
C PRO A 637 20.90 -19.85 -5.08
N ASN A 638 21.28 -20.81 -4.23
CA ASN A 638 20.51 -21.07 -3.02
C ASN A 638 20.41 -19.86 -2.10
N ASN A 639 21.35 -18.91 -2.18
CA ASN A 639 21.41 -17.82 -1.20
C ASN A 639 20.88 -16.48 -1.74
N ILE A 640 20.49 -16.44 -3.01
CA ILE A 640 19.87 -15.25 -3.61
C ILE A 640 18.59 -14.88 -2.86
N ASP A 641 18.50 -13.61 -2.46
CA ASP A 641 17.30 -13.17 -1.75
C ASP A 641 16.10 -13.16 -2.70
N ILE A 642 14.93 -13.52 -2.17
CA ILE A 642 13.76 -13.74 -3.01
C ILE A 642 13.49 -12.54 -3.91
N TRP A 643 13.54 -11.31 -3.37
CA TRP A 643 13.18 -10.17 -4.20
C TRP A 643 14.18 -9.97 -5.34
N MET A 644 15.47 -10.09 -5.03
CA MET A 644 16.52 -9.88 -6.01
C MET A 644 16.48 -10.95 -7.10
N GLY A 645 16.27 -12.20 -6.72
CA GLY A 645 16.12 -13.24 -7.73
C GLY A 645 14.84 -13.09 -8.52
N GLY A 646 13.75 -12.70 -7.85
CA GLY A 646 12.47 -12.59 -8.53
C GLY A 646 12.47 -11.50 -9.60
N VAL A 647 13.03 -10.33 -9.28
CA VAL A 647 13.03 -9.28 -10.28
C VAL A 647 14.11 -9.51 -11.32
N SER A 648 15.11 -10.36 -11.03
CA SER A 648 16.14 -10.67 -12.02
C SER A 648 15.66 -11.53 -13.17
N GLU A 649 14.60 -12.32 -12.97
CA GLU A 649 14.12 -13.22 -14.01
C GLU A 649 13.62 -12.44 -15.22
N PRO A 650 13.73 -13.00 -16.43
CA PRO A 650 13.20 -12.31 -17.61
C PRO A 650 11.68 -12.42 -17.64
N LEU A 651 11.05 -11.39 -18.21
CA LEU A 651 9.61 -11.20 -18.06
C LEU A 651 8.79 -12.14 -18.93
N LYS A 652 7.70 -12.66 -18.34
CA LYS A 652 6.67 -13.40 -19.05
C LYS A 652 6.13 -12.57 -20.22
N ARG A 653 5.60 -13.26 -21.23
CA ARG A 653 5.10 -12.59 -22.42
C ARG A 653 3.81 -11.87 -22.07
N LYS A 654 3.76 -10.58 -22.44
CA LYS A 654 2.65 -9.66 -22.13
C LYS A 654 2.47 -9.48 -20.62
N GLY A 655 3.54 -9.73 -19.84
CA GLY A 655 3.50 -9.59 -18.39
C GLY A 655 4.71 -8.84 -17.89
N ARG A 656 4.70 -8.52 -16.59
CA ARG A 656 5.80 -7.71 -16.05
C ARG A 656 6.49 -8.36 -14.85
N VAL A 657 6.40 -9.68 -14.72
CA VAL A 657 7.26 -10.45 -13.83
C VAL A 657 7.62 -11.76 -14.50
N GLY A 658 8.68 -12.38 -13.99
CA GLY A 658 9.08 -13.68 -14.45
C GLY A 658 8.30 -14.79 -13.79
N PRO A 659 8.70 -16.04 -14.05
CA PRO A 659 7.89 -17.18 -13.58
C PRO A 659 7.85 -17.31 -12.08
N LEU A 660 8.93 -17.01 -11.39
CA LEU A 660 8.93 -17.20 -9.94
C LEU A 660 7.90 -16.28 -9.26
N LEU A 661 7.93 -14.99 -9.58
CA LEU A 661 6.99 -14.06 -8.98
C LEU A 661 5.58 -14.29 -9.50
N ALA A 662 5.45 -14.63 -10.78
CA ALA A 662 4.14 -14.94 -11.33
C ALA A 662 3.47 -16.01 -10.47
N CYS A 663 4.23 -17.02 -10.09
CA CYS A 663 3.67 -18.06 -9.27
C CYS A 663 3.27 -17.54 -7.89
N ILE A 664 4.18 -16.84 -7.22
CA ILE A 664 3.90 -16.39 -5.85
C ILE A 664 2.73 -15.42 -5.85
N ILE A 665 2.75 -14.46 -6.79
CA ILE A 665 1.74 -13.43 -6.86
C ILE A 665 0.39 -14.05 -7.26
N GLY A 666 0.39 -14.86 -8.32
CA GLY A 666 -0.86 -15.47 -8.77
C GLY A 666 -1.49 -16.33 -7.70
N THR A 667 -0.67 -17.14 -7.04
CA THR A 667 -1.18 -18.01 -5.99
C THR A 667 -1.79 -17.22 -4.85
N GLN A 668 -1.16 -16.13 -4.45
CA GLN A 668 -1.76 -15.33 -3.37
C GLN A 668 -3.08 -14.72 -3.81
N PHE A 669 -3.16 -14.21 -5.05
CA PHE A 669 -4.42 -13.59 -5.46
C PHE A 669 -5.52 -14.62 -5.72
N ARG A 670 -5.15 -15.84 -6.13
CA ARG A 670 -6.16 -16.87 -6.21
C ARG A 670 -6.77 -17.14 -4.84
N LYS A 671 -5.92 -17.26 -3.82
CA LYS A 671 -6.40 -17.57 -2.49
C LYS A 671 -7.23 -16.43 -1.89
N LEU A 672 -6.91 -15.17 -2.23
CA LEU A 672 -7.67 -14.03 -1.73
C LEU A 672 -9.06 -13.97 -2.34
N ARG A 673 -9.19 -14.36 -3.60
CA ARG A 673 -10.50 -14.46 -4.26
C ARG A 673 -11.30 -15.64 -3.76
N ASP A 674 -10.74 -16.86 -3.91
CA ASP A 674 -11.50 -18.07 -3.59
C ASP A 674 -11.77 -18.22 -2.10
N GLY A 675 -10.95 -17.62 -1.24
CA GLY A 675 -11.15 -17.70 0.19
C GLY A 675 -11.88 -16.54 0.80
N ASP A 676 -12.54 -15.70 -0.02
CA ASP A 676 -13.21 -14.49 0.43
C ASP A 676 -14.72 -14.70 0.35
N ARG A 677 -15.35 -14.85 1.50
CA ARG A 677 -16.79 -15.06 1.48
C ARG A 677 -17.54 -13.90 0.84
N PHE A 678 -16.95 -12.71 0.80
CA PHE A 678 -17.63 -11.52 0.31
C PHE A 678 -17.12 -11.08 -1.04
N TRP A 679 -16.36 -11.93 -1.72
CA TRP A 679 -16.03 -11.71 -3.11
C TRP A 679 -17.29 -11.37 -3.92
N TRP A 680 -17.18 -10.39 -4.80
CA TRP A 680 -18.38 -9.76 -5.38
C TRP A 680 -19.15 -10.69 -6.29
N GLU A 681 -18.52 -11.72 -6.85
CA GLU A 681 -19.22 -12.69 -7.68
C GLU A 681 -19.82 -13.85 -6.89
N ASN A 682 -19.58 -13.93 -5.59
CA ASN A 682 -20.10 -15.02 -4.78
C ASN A 682 -21.60 -14.90 -4.60
N GLU A 683 -22.33 -15.98 -4.90
CA GLU A 683 -23.76 -15.98 -4.70
C GLU A 683 -24.11 -15.40 -3.34
N GLY A 684 -25.09 -14.49 -3.31
CA GLY A 684 -25.56 -13.90 -2.07
C GLY A 684 -24.97 -12.54 -1.74
N VAL A 685 -23.81 -12.20 -2.30
CA VAL A 685 -23.17 -10.93 -1.97
C VAL A 685 -23.94 -9.78 -2.63
N PHE A 686 -23.97 -9.78 -3.95
CA PHE A 686 -24.77 -8.85 -4.73
C PHE A 686 -25.90 -9.63 -5.41
N SER A 687 -26.93 -8.89 -5.83
CA SER A 687 -27.99 -9.46 -6.63
C SER A 687 -27.48 -9.65 -8.05
N MET A 688 -28.21 -10.46 -8.82
CA MET A 688 -27.82 -10.65 -10.21
C MET A 688 -27.75 -9.30 -10.94
N GLN A 689 -28.68 -8.41 -10.65
CA GLN A 689 -28.75 -7.15 -11.37
C GLN A 689 -27.63 -6.20 -10.92
N GLN A 690 -27.26 -6.24 -9.64
CA GLN A 690 -26.09 -5.50 -9.20
C GLN A 690 -24.82 -5.97 -9.95
N ARG A 691 -24.60 -7.29 -10.06
CA ARG A 691 -23.35 -7.76 -10.68
C ARG A 691 -23.26 -7.39 -12.15
N GLN A 692 -24.42 -7.24 -12.78
CA GLN A 692 -24.45 -6.79 -14.17
C GLN A 692 -24.06 -5.33 -14.27
N ALA A 693 -24.56 -4.54 -13.33
CA ALA A 693 -24.20 -3.12 -13.26
C ALA A 693 -22.71 -2.91 -12.96
N LEU A 694 -22.16 -3.63 -11.95
CA LEU A 694 -20.77 -3.47 -11.52
C LEU A 694 -19.78 -3.81 -12.61
N ALA A 695 -20.14 -4.71 -13.52
CA ALA A 695 -19.26 -5.04 -14.64
C ALA A 695 -18.89 -3.82 -15.49
N GLN A 696 -19.70 -2.76 -15.45
CA GLN A 696 -19.47 -1.56 -16.27
C GLN A 696 -18.49 -0.58 -15.66
N ILE A 697 -18.06 -0.77 -14.40
CA ILE A 697 -17.15 0.19 -13.79
C ILE A 697 -15.79 0.09 -14.45
N SER A 698 -15.02 1.18 -14.31
CA SER A 698 -13.66 1.26 -14.80
C SER A 698 -12.99 2.39 -14.04
N LEU A 699 -11.69 2.33 -13.93
CA LEU A 699 -10.96 3.39 -13.24
C LEU A 699 -11.03 4.71 -14.03
N PRO A 700 -11.04 4.67 -15.36
CA PRO A 700 -11.31 5.91 -16.12
C PRO A 700 -12.59 6.60 -15.70
N ARG A 701 -13.71 5.89 -15.70
CA ARG A 701 -14.97 6.46 -15.24
C ARG A 701 -14.85 7.06 -13.84
N ILE A 702 -14.24 6.33 -12.91
CA ILE A 702 -14.14 6.82 -11.53
C ILE A 702 -13.37 8.12 -11.49
N ILE A 703 -12.43 8.30 -12.42
CA ILE A 703 -11.70 9.57 -12.52
C ILE A 703 -12.63 10.67 -13.04
N CYS A 704 -13.44 10.37 -14.04
CA CYS A 704 -14.38 11.35 -14.59
C CYS A 704 -15.37 11.85 -13.53
N ASP A 705 -15.87 10.94 -12.67
CA ASP A 705 -16.95 11.26 -11.75
C ASP A 705 -16.51 12.09 -10.55
N ASN A 706 -15.21 12.21 -10.31
CA ASN A 706 -14.75 12.78 -9.03
C ASN A 706 -13.59 13.75 -9.19
N THR A 707 -13.30 14.22 -10.41
CA THR A 707 -12.31 15.25 -10.66
C THR A 707 -12.86 16.21 -11.72
N GLY A 708 -12.04 17.22 -12.08
CA GLY A 708 -12.26 18.09 -13.21
C GLY A 708 -11.68 17.60 -14.53
N ILE A 709 -11.32 16.32 -14.63
CA ILE A 709 -10.70 15.77 -15.82
C ILE A 709 -11.82 15.29 -16.73
N THR A 710 -11.79 15.71 -17.98
CA THR A 710 -12.82 15.34 -18.94
C THR A 710 -12.28 14.46 -20.05
N THR A 711 -10.96 14.30 -20.13
CA THR A 711 -10.34 13.36 -21.07
C THR A 711 -9.50 12.35 -20.30
N VAL A 712 -9.74 11.06 -20.53
CA VAL A 712 -9.12 10.00 -19.75
C VAL A 712 -8.68 8.85 -20.64
N SER A 713 -7.65 8.13 -20.16
CA SER A 713 -7.21 6.87 -20.75
C SER A 713 -8.39 6.03 -21.17
N LYS A 714 -8.25 5.33 -22.28
CA LYS A 714 -9.22 4.34 -22.69
C LYS A 714 -8.80 2.98 -22.16
N ASN A 715 -9.77 2.13 -21.84
CA ASN A 715 -9.44 0.81 -21.31
C ASN A 715 -8.47 0.14 -22.27
N ASN A 716 -7.41 -0.49 -21.76
CA ASN A 716 -7.06 -0.65 -20.35
C ASN A 716 -6.23 0.52 -19.83
N ILE A 717 -6.71 1.15 -18.75
CA ILE A 717 -6.03 2.33 -18.21
C ILE A 717 -4.56 2.01 -17.94
N PHE A 718 -4.28 0.76 -17.57
CA PHE A 718 -2.92 0.37 -17.23
C PHE A 718 -2.02 0.15 -18.46
N MET A 719 -2.60 -0.01 -19.66
CA MET A 719 -1.83 -0.12 -20.89
C MET A 719 -1.65 1.23 -21.59
N SER A 720 -2.74 1.94 -21.82
CA SER A 720 -2.75 3.30 -22.36
C SER A 720 -1.79 4.25 -21.64
N ASN A 721 -0.89 4.88 -22.39
CA ASN A 721 0.03 5.81 -21.75
C ASN A 721 0.43 7.02 -22.59
N SER A 722 -0.21 7.30 -23.73
CA SER A 722 0.28 8.32 -24.66
C SER A 722 -0.87 9.24 -25.06
N TYR A 723 -0.71 10.55 -24.86
CA TYR A 723 -1.74 11.48 -25.28
C TYR A 723 -1.41 12.08 -26.65
N PRO A 724 -2.39 12.24 -27.58
CA PRO A 724 -3.83 11.96 -27.50
C PRO A 724 -4.24 10.57 -27.98
N ARG A 725 -3.26 9.78 -28.41
CA ARG A 725 -3.55 8.49 -29.04
C ARG A 725 -4.47 7.63 -28.18
N ASP A 726 -4.18 7.52 -26.88
CA ASP A 726 -4.78 6.51 -26.02
C ASP A 726 -5.98 7.01 -25.21
N PHE A 727 -6.52 8.19 -25.54
CA PHE A 727 -7.45 8.90 -24.66
C PHE A 727 -8.79 9.17 -25.36
N VAL A 728 -9.85 9.30 -24.54
CA VAL A 728 -11.21 9.60 -25.00
C VAL A 728 -11.85 10.65 -24.09
N ASN A 729 -12.96 11.22 -24.57
CA ASN A 729 -13.73 12.19 -23.77
C ASN A 729 -14.61 11.44 -22.79
N CYS A 730 -14.73 11.99 -21.58
CA CYS A 730 -15.50 11.31 -20.53
C CYS A 730 -16.93 10.98 -20.97
N SER A 731 -17.53 11.81 -21.83
CA SER A 731 -18.92 11.64 -22.21
C SER A 731 -19.19 10.32 -22.90
N THR A 732 -18.15 9.65 -23.40
CA THR A 732 -18.28 8.38 -24.10
C THR A 732 -18.28 7.16 -23.18
N LEU A 733 -18.20 7.36 -21.86
CA LEU A 733 -18.06 6.26 -20.93
C LEU A 733 -19.31 6.16 -20.09
N PRO A 734 -20.06 5.06 -20.19
CA PRO A 734 -21.27 4.95 -19.36
C PRO A 734 -20.91 4.98 -17.87
N ALA A 735 -21.86 5.40 -17.05
CA ALA A 735 -21.64 5.49 -15.61
C ALA A 735 -22.20 4.26 -14.95
N LEU A 736 -21.85 4.10 -13.69
CA LEU A 736 -22.42 2.99 -12.95
C LEU A 736 -23.87 3.31 -12.68
N ASN A 737 -24.73 2.39 -13.05
CA ASN A 737 -26.17 2.49 -12.87
C ASN A 737 -26.54 1.88 -11.51
N LEU A 738 -26.95 2.71 -10.56
CA LEU A 738 -27.33 2.27 -9.21
C LEU A 738 -28.82 1.94 -9.07
N ALA A 739 -29.54 1.74 -10.18
CA ALA A 739 -30.98 1.48 -10.09
C ALA A 739 -31.29 0.29 -9.19
N SER A 740 -30.60 -0.83 -9.38
CA SER A 740 -30.86 -2.08 -8.66
C SER A 740 -30.50 -2.03 -7.17
N TRP A 741 -29.98 -0.92 -6.67
CA TRP A 741 -29.84 -0.70 -5.24
C TRP A 741 -31.07 -0.05 -4.61
N ARG A 742 -32.03 0.39 -5.42
CA ARG A 742 -33.31 0.90 -4.91
C ARG A 742 -34.06 -0.19 -4.16
N GLU A 743 -34.40 0.10 -2.91
CA GLU A 743 -35.11 -0.84 -2.06
C GLU A 743 -36.60 -0.86 -2.41
N ALA A 744 -37.17 -2.06 -2.42
CA ALA A 744 -38.58 -2.23 -2.73
C ALA A 744 -39.46 -1.83 -1.54
N GLN B 33 -0.76 0.79 18.81
CA GLN B 33 -1.34 2.15 18.81
C GLN B 33 -0.46 3.19 18.05
N VAL B 34 0.87 3.11 18.23
CA VAL B 34 1.81 3.89 17.42
C VAL B 34 2.36 2.99 16.32
N THR B 35 2.05 3.33 15.08
CA THR B 35 2.56 2.60 13.93
C THR B 35 3.71 3.37 13.28
N SER B 36 4.80 2.67 13.00
CA SER B 36 5.93 3.33 12.37
C SER B 36 6.61 2.38 11.39
N GLN B 37 7.08 2.97 10.27
CA GLN B 37 7.90 2.31 9.26
C GLN B 37 9.17 3.12 9.08
N ASN B 38 10.31 2.42 9.03
CA ASN B 38 11.60 3.02 8.71
C ASN B 38 11.89 4.23 9.61
N GLY B 39 11.60 4.09 10.90
CA GLY B 39 11.86 5.16 11.86
C GLY B 39 10.74 6.20 11.97
N ILE B 40 10.02 6.43 10.88
CA ILE B 40 8.99 7.48 10.78
C ILE B 40 7.70 6.98 11.41
N ILE B 41 7.16 7.75 12.36
CA ILE B 41 5.85 7.48 12.93
C ILE B 41 4.77 7.94 11.96
N LEU B 42 3.91 7.01 11.53
CA LEU B 42 2.91 7.30 10.52
C LEU B 42 1.53 7.57 11.10
N HIS B 43 1.28 7.15 12.35
CA HIS B 43 -0.01 7.28 13.00
C HIS B 43 0.20 7.02 14.48
N ASP B 44 -0.56 7.74 15.30
CA ASP B 44 -0.63 7.52 16.73
C ASP B 44 -2.12 7.55 17.09
N ASP B 45 -2.67 6.36 17.39
CA ASP B 45 -4.09 6.22 17.64
C ASP B 45 -4.53 6.95 18.91
N SER B 46 -3.60 7.33 19.78
CA SER B 46 -3.94 8.00 21.02
C SER B 46 -3.91 9.52 20.90
N ARG B 47 -3.83 10.07 19.69
CA ARG B 47 -3.79 11.51 19.51
C ARG B 47 -5.09 11.95 18.85
N MET B 48 -5.68 13.01 19.38
CA MET B 48 -6.96 13.44 18.85
C MET B 48 -6.82 14.12 17.50
N LEU B 49 -7.75 13.80 16.63
CA LEU B 49 -7.80 14.34 15.29
C LEU B 49 -8.54 15.66 15.25
N ASP B 50 -8.15 16.48 14.26
CA ASP B 50 -8.61 17.86 14.23
C ASP B 50 -10.08 17.93 13.83
N HIS B 51 -10.49 17.17 12.82
CA HIS B 51 -11.88 17.31 12.41
C HIS B 51 -12.83 16.79 13.48
N GLU B 52 -12.33 16.05 14.47
CA GLU B 52 -13.16 15.51 15.55
C GLU B 52 -13.34 16.51 16.67
N LEU B 53 -12.35 17.39 16.88
CA LEU B 53 -12.56 18.54 17.75
C LEU B 53 -13.76 19.37 17.30
N GLN B 54 -14.06 19.41 16.01
CA GLN B 54 -15.19 20.21 15.55
C GLN B 54 -16.53 19.55 15.86
N TYR B 55 -16.54 18.29 16.27
CA TYR B 55 -17.81 17.71 16.75
C TYR B 55 -18.27 18.35 18.05
N VAL B 56 -17.37 19.04 18.77
CA VAL B 56 -17.74 19.76 19.98
C VAL B 56 -18.76 20.84 19.66
N ASP B 57 -18.67 21.43 18.47
CA ASP B 57 -19.62 22.48 18.11
C ASP B 57 -21.05 21.96 18.14
N VAL B 58 -21.23 20.66 17.99
CA VAL B 58 -22.56 20.07 18.08
C VAL B 58 -22.96 19.89 19.53
N LEU B 59 -22.04 19.43 20.36
CA LEU B 59 -22.36 19.22 21.77
C LEU B 59 -22.77 20.53 22.45
N ILE B 60 -22.10 21.64 22.13
CA ILE B 60 -22.38 22.91 22.77
C ILE B 60 -23.47 23.70 22.06
N ASN B 61 -23.97 23.22 20.95
CA ASN B 61 -25.02 23.96 20.28
C ASN B 61 -26.34 23.57 20.94
N PRO B 62 -27.00 24.51 21.62
CA PRO B 62 -28.28 24.16 22.28
C PRO B 62 -29.33 23.67 21.31
N ASN B 63 -29.38 24.24 20.12
CA ASN B 63 -30.33 23.84 19.07
C ASN B 63 -29.66 22.95 18.02
N ALA B 64 -28.99 21.90 18.47
CA ALA B 64 -28.40 20.92 17.56
C ALA B 64 -29.31 19.72 17.44
N ASN B 65 -29.25 19.08 16.29
CA ASN B 65 -30.06 17.92 15.99
C ASN B 65 -29.97 16.91 17.12
N PRO B 66 -31.00 16.77 17.97
CA PRO B 66 -30.83 15.99 19.20
C PRO B 66 -30.38 14.56 18.96
N GLN B 67 -30.77 13.94 17.83
CA GLN B 67 -30.30 12.58 17.56
C GLN B 67 -28.79 12.55 17.33
N THR B 68 -28.26 13.51 16.56
CA THR B 68 -26.83 13.56 16.30
C THR B 68 -26.05 13.94 17.55
N LYS B 69 -26.63 14.83 18.36
CA LYS B 69 -25.94 15.25 19.57
C LYS B 69 -25.74 14.08 20.53
N GLU B 70 -26.64 13.10 20.49
CA GLU B 70 -26.56 11.96 21.39
C GLU B 70 -25.54 10.94 20.90
N ARG B 71 -25.45 10.78 19.57
CA ARG B 71 -24.46 9.87 19.01
C ARG B 71 -23.03 10.35 19.32
N LEU B 72 -22.78 11.65 19.22
CA LEU B 72 -21.46 12.21 19.51
C LEU B 72 -21.11 12.10 20.99
N LYS B 73 -22.08 12.28 21.88
CA LYS B 73 -21.80 12.07 23.30
C LYS B 73 -21.51 10.60 23.59
N ALA B 74 -22.16 9.67 22.89
CA ALA B 74 -21.84 8.27 23.08
C ALA B 74 -20.44 7.96 22.58
N TYR B 75 -20.14 8.42 21.36
CA TYR B 75 -18.80 8.30 20.80
C TYR B 75 -17.72 8.81 21.76
N PHE B 76 -17.85 10.04 22.26
CA PHE B 76 -16.79 10.52 23.14
C PHE B 76 -16.79 9.79 24.47
N GLU B 77 -17.96 9.42 25.00
CA GLU B 77 -18.00 8.68 26.26
C GLU B 77 -17.23 7.35 26.14
N SER B 78 -17.30 6.73 24.95
CA SER B 78 -16.59 5.49 24.64
C SER B 78 -15.08 5.62 24.77
N GLN B 79 -14.54 6.80 24.52
CA GLN B 79 -13.10 7.01 24.59
C GLN B 79 -12.64 7.47 25.97
N GLY B 80 -13.54 7.51 26.95
CA GLY B 80 -13.14 8.04 28.25
C GLY B 80 -13.04 9.54 28.27
N LEU B 81 -13.73 10.21 27.35
CA LEU B 81 -13.79 11.67 27.31
C LEU B 81 -15.26 11.99 27.55
N ASN B 82 -15.60 12.22 28.81
CA ASN B 82 -16.99 12.24 29.23
C ASN B 82 -17.59 13.63 29.33
N THR B 83 -16.77 14.68 29.42
CA THR B 83 -17.24 16.06 29.42
C THR B 83 -16.59 16.82 28.28
N VAL B 84 -17.33 17.81 27.76
CA VAL B 84 -16.78 18.75 26.78
C VAL B 84 -15.42 19.29 27.24
N SER B 85 -15.27 19.54 28.53
CA SER B 85 -13.99 20.05 28.99
C SER B 85 -12.89 19.01 28.88
N GLU B 86 -13.24 17.73 29.05
CA GLU B 86 -12.24 16.67 28.91
C GLU B 86 -11.82 16.50 27.46
N ILE B 87 -12.76 16.68 26.54
CA ILE B 87 -12.45 16.70 25.12
C ILE B 87 -11.45 17.81 24.84
N VAL B 88 -11.81 19.06 25.17
CA VAL B 88 -10.95 20.22 24.90
C VAL B 88 -9.58 20.02 25.52
N GLN B 89 -9.51 19.62 26.80
CA GLN B 89 -8.20 19.48 27.43
C GLN B 89 -7.32 18.52 26.67
N LYS B 90 -7.89 17.40 26.19
CA LYS B 90 -7.12 16.38 25.49
C LYS B 90 -6.69 16.87 24.10
N ALA B 91 -7.54 17.63 23.44
CA ALA B 91 -7.14 18.26 22.19
C ALA B 91 -5.95 19.20 22.41
N LYS B 92 -6.05 20.13 23.36
CA LYS B 92 -4.95 21.06 23.59
C LYS B 92 -3.69 20.33 23.96
N GLN B 93 -3.80 19.30 24.80
CA GLN B 93 -2.65 18.47 25.21
C GLN B 93 -2.03 17.75 24.03
N ASP B 94 -2.76 17.58 22.92
CA ASP B 94 -2.32 16.87 21.73
C ASP B 94 -1.99 17.82 20.59
N GLY B 95 -1.76 19.10 20.89
CA GLY B 95 -1.28 20.05 19.90
C GLY B 95 -2.33 20.70 19.03
N LEU B 96 -3.61 20.57 19.33
CA LEU B 96 -4.63 21.19 18.49
C LEU B 96 -4.97 22.58 19.00
N ASP B 97 -5.58 23.39 18.11
CA ASP B 97 -5.94 24.76 18.43
C ASP B 97 -7.31 24.75 19.09
N THR B 98 -7.31 24.91 20.42
CA THR B 98 -8.54 24.91 21.22
C THR B 98 -8.92 26.31 21.68
N SER B 99 -8.55 27.33 20.90
CA SER B 99 -9.31 28.56 20.89
C SER B 99 -10.68 28.21 20.39
N LYS B 100 -11.60 29.14 20.47
CA LYS B 100 -12.99 28.90 20.15
C LYS B 100 -13.67 28.15 21.30
N TYR B 101 -12.91 27.62 22.28
CA TYR B 101 -13.40 26.88 23.45
C TYR B 101 -12.71 27.41 24.72
N ASP B 102 -12.83 28.72 24.93
CA ASP B 102 -12.36 29.46 26.12
C ASP B 102 -13.30 29.34 27.34
CA CA C . -7.61 -5.52 2.97
CHA HEM D . 7.30 -1.77 1.21
CHB HEM D . 8.31 2.65 -0.32
CHC HEM D . 6.03 1.66 -4.45
CHD HEM D . 4.85 -2.68 -2.82
C1A HEM D . 7.78 -0.51 1.11
C2A HEM D . 8.58 0.12 2.08
C3A HEM D . 8.84 1.35 1.64
C4A HEM D . 8.22 1.51 0.42
CMA HEM D . 9.64 2.38 2.35
CAA HEM D . 9.08 -0.46 3.39
CBA HEM D . 10.59 -0.72 3.23
CGA HEM D . 11.26 -1.70 4.15
O1A HEM D . 11.09 -2.88 4.13
O2A HEM D . 12.06 -1.31 4.96
C1B HEM D . 7.72 2.70 -1.58
C2B HEM D . 7.68 3.89 -2.31
C3B HEM D . 7.07 3.66 -3.44
C4B HEM D . 6.73 2.25 -3.41
CMB HEM D . 8.20 5.22 -1.89
CAB HEM D . 6.76 4.59 -4.51
CBB HEM D . 6.27 5.79 -4.26
C1C HEM D . 5.52 0.38 -4.36
C2C HEM D . 4.93 -0.28 -5.39
C3C HEM D . 4.56 -1.50 -4.99
C4C HEM D . 4.98 -1.61 -3.64
CMC HEM D . 4.70 0.33 -6.72
CAC HEM D . 3.86 -2.39 -5.93
CBC HEM D . 3.51 -3.61 -5.62
C1D HEM D . 5.42 -2.74 -1.56
C2D HEM D . 5.13 -3.83 -0.63
C3D HEM D . 5.80 -3.58 0.47
C4D HEM D . 6.51 -2.33 0.23
CMD HEM D . 4.24 -5.03 -0.86
CAD HEM D . 5.80 -4.42 1.75
CBD HEM D . 4.75 -3.85 2.76
CGD HEM D . 4.62 -4.37 4.19
O1D HEM D . 4.99 -3.71 5.14
O2D HEM D . 4.14 -5.46 4.50
NA HEM D . 7.60 0.34 0.06
NB HEM D . 7.16 1.73 -2.28
NC HEM D . 5.61 -0.45 -3.30
ND HEM D . 6.28 -1.86 -0.99
FE HEM D . 6.91 -0.27 -1.69
CL CL E . 6.06 -17.62 3.50
C1 NAG F . -11.99 -26.51 -2.23
C2 NAG F . -12.30 -27.98 -2.47
C3 NAG F . -11.19 -28.88 -1.95
C4 NAG F . -9.83 -28.39 -2.42
C5 NAG F . -9.66 -26.89 -2.18
C6 NAG F . -8.33 -26.38 -2.72
C7 NAG F . -14.64 -27.57 -1.97
C8 NAG F . -15.75 -27.84 -1.00
N2 NAG F . -13.56 -28.34 -1.85
O3 NAG F . -11.39 -30.22 -2.39
O4 NAG F . -8.80 -29.09 -1.72
O5 NAG F . -10.73 -26.18 -2.81
O6 NAG F . -7.27 -26.83 -1.87
O7 NAG F . -14.73 -26.70 -2.83
C1 NAG G . -19.28 16.24 6.81
C2 NAG G . -18.31 17.39 6.54
C3 NAG G . -19.06 18.71 6.42
C4 NAG G . -20.25 18.59 5.47
C5 NAG G . -21.09 17.37 5.81
C6 NAG G . -22.24 17.19 4.81
C7 NAG G . -16.72 16.39 8.07
C8 NAG G . -16.55 16.35 9.56
N2 NAG G . -17.33 17.47 7.59
O3 NAG G . -18.17 19.72 5.92
O4 NAG G . -21.06 19.76 5.55
O5 NAG G . -20.27 16.20 5.80
O6 NAG G . -21.70 17.03 3.49
O7 NAG G . -16.33 15.49 7.34
C1 NAG H . 7.99 25.25 -0.23
C2 NAG H . 8.30 25.84 -1.59
C3 NAG H . 8.16 27.35 -1.59
C4 NAG H . 6.83 27.76 -0.98
C5 NAG H . 6.60 27.06 0.37
C6 NAG H . 5.25 27.43 0.94
C7 NAG H . 9.92 24.28 -2.54
C8 NAG H . 11.16 23.60 -2.03
N2 NAG H . 9.65 25.46 -2.00
O3 NAG H . 8.24 27.84 -2.94
O4 NAG H . 6.83 29.19 -0.78
O5 NAG H . 6.68 25.65 0.17
O6 NAG H . 5.42 28.19 2.14
O7 NAG H . 9.20 23.78 -3.39
#